data_1A6B
#
_entry.id   1A6B
#
_cell.length_a   1.000
_cell.length_b   1.000
_cell.length_c   1.000
_cell.angle_alpha   90.00
_cell.angle_beta   90.00
_cell.angle_gamma   90.00
#
_symmetry.space_group_name_H-M   'P 1'
#
loop_
_entity.id
_entity.type
_entity.pdbx_description
1 polymer "DNA (5'-D(*AP*CP*GP*CP*C)-3')"
2 polymer 'ZINC FINGER PROTEIN NCP10'
3 non-polymer 'ZINC ION'
#
loop_
_entity_poly.entity_id
_entity_poly.type
_entity_poly.pdbx_seq_one_letter_code
_entity_poly.pdbx_strand_id
1 'polydeoxyribonucleotide' (DA)(DC)(DG)(DC)(DC) A
2 'polypeptide(L)' GERRRSQLDRDQCAYCKEKGHWAKDCPKKPRGPRGPRPQT B
#
# COMPACT_ATOMS: atom_id res chain seq x y z
N GLY B 1 23.69 -3.23 1.38
CA GLY B 1 23.17 -4.25 0.47
C GLY B 1 22.39 -5.34 1.21
N GLU B 2 21.25 -4.96 1.80
CA GLU B 2 20.47 -5.82 2.68
C GLU B 2 19.61 -6.78 1.86
N ARG B 3 20.23 -7.83 1.33
CA ARG B 3 19.56 -8.89 0.58
C ARG B 3 18.44 -9.53 1.41
N ARG B 4 18.62 -9.64 2.73
CA ARG B 4 17.61 -10.12 3.65
C ARG B 4 16.31 -9.33 3.52
N ARG B 5 16.40 -7.99 3.46
CA ARG B 5 15.26 -7.13 3.17
C ARG B 5 15.06 -7.10 1.66
N SER B 6 14.61 -8.22 1.09
CA SER B 6 14.34 -8.38 -0.33
C SER B 6 13.23 -7.45 -0.80
N GLN B 7 12.26 -7.16 0.08
CA GLN B 7 11.13 -6.28 -0.20
C GLN B 7 10.73 -5.52 1.07
N LEU B 8 9.64 -4.76 0.97
CA LEU B 8 8.98 -4.09 2.07
C LEU B 8 9.89 -3.08 2.79
N ASP B 9 10.52 -2.19 2.01
CA ASP B 9 11.25 -1.03 2.51
C ASP B 9 10.27 0.09 2.84
N ARG B 10 10.80 1.31 3.05
CA ARG B 10 10.06 2.53 3.20
C ARG B 10 9.77 3.15 1.85
N ASP B 11 10.67 2.97 0.87
CA ASP B 11 10.47 3.40 -0.51
C ASP B 11 9.18 2.85 -1.12
N GLN B 12 9.04 1.52 -1.09
CA GLN B 12 8.03 0.73 -1.79
C GLN B 12 6.76 0.51 -0.95
N CYS B 13 5.65 0.13 -1.63
CA CYS B 13 4.38 -0.18 -1.02
C CYS B 13 4.52 -1.38 -0.07
N ALA B 14 4.01 -1.23 1.16
CA ALA B 14 4.03 -2.26 2.17
C ALA B 14 3.14 -3.45 1.83
N TYR B 15 2.00 -3.16 1.20
CA TYR B 15 0.91 -4.07 0.97
C TYR B 15 1.23 -5.05 -0.16
N CYS B 16 1.57 -4.48 -1.31
CA CYS B 16 1.71 -5.16 -2.59
C CYS B 16 3.02 -4.84 -3.30
N LYS B 17 3.75 -3.79 -2.88
CA LYS B 17 5.06 -3.45 -3.43
C LYS B 17 5.02 -3.42 -4.96
N GLU B 18 4.15 -2.55 -5.49
CA GLU B 18 3.93 -2.32 -6.91
C GLU B 18 4.26 -0.86 -7.23
N LYS B 19 4.57 -0.60 -8.51
CA LYS B 19 4.82 0.68 -9.14
C LYS B 19 5.43 1.75 -8.22
N GLY B 20 4.72 2.85 -8.02
CA GLY B 20 5.23 4.02 -7.31
C GLY B 20 4.22 4.62 -6.34
N HIS B 21 3.14 3.89 -6.02
CA HIS B 21 2.25 4.29 -4.92
C HIS B 21 2.84 3.75 -3.61
N TRP B 22 2.06 3.83 -2.52
CA TRP B 22 2.49 3.34 -1.21
C TRP B 22 1.31 2.69 -0.49
N ALA B 23 1.56 2.05 0.67
CA ALA B 23 0.48 1.46 1.46
C ALA B 23 -0.54 2.49 1.94
N LYS B 24 -0.16 3.78 1.95
CA LYS B 24 -1.06 4.90 2.18
C LYS B 24 -2.10 5.03 1.06
N ASP B 25 -1.70 4.68 -0.17
CA ASP B 25 -2.43 4.92 -1.41
C ASP B 25 -2.69 3.62 -2.18
N CYS B 26 -2.59 2.44 -1.55
CA CYS B 26 -2.59 1.19 -2.29
C CYS B 26 -4.00 0.90 -2.85
N PRO B 27 -4.12 0.63 -4.16
CA PRO B 27 -5.37 0.32 -4.83
C PRO B 27 -5.83 -1.12 -4.58
N LYS B 28 -4.89 -2.01 -4.19
CA LYS B 28 -5.19 -3.39 -3.83
C LYS B 28 -5.92 -3.39 -2.49
N LYS B 29 -5.37 -2.64 -1.54
CA LYS B 29 -5.95 -2.39 -0.23
C LYS B 29 -7.29 -1.66 -0.42
N PRO B 30 -8.36 -2.07 0.27
CA PRO B 30 -9.68 -1.48 0.11
C PRO B 30 -9.78 -0.13 0.82
N ARG B 31 -9.11 0.89 0.27
CA ARG B 31 -9.22 2.28 0.70
C ARG B 31 -10.41 2.93 -0.01
N GLY B 32 -11.61 2.37 0.21
CA GLY B 32 -12.84 2.88 -0.38
C GLY B 32 -13.25 4.17 0.33
N PRO B 33 -13.51 5.27 -0.40
CA PRO B 33 -13.86 6.56 0.19
C PRO B 33 -15.34 6.57 0.57
N ARG B 34 -15.70 5.75 1.56
CA ARG B 34 -17.07 5.54 2.02
C ARG B 34 -17.11 4.88 3.40
N GLY B 35 -15.99 4.91 4.15
CA GLY B 35 -15.86 4.13 5.38
C GLY B 35 -15.82 2.65 5.03
N PRO B 36 -14.65 2.10 4.63
CA PRO B 36 -14.51 0.74 4.16
C PRO B 36 -14.21 -0.14 5.37
N ARG B 37 -15.07 -0.02 6.39
CA ARG B 37 -14.83 -0.61 7.69
C ARG B 37 -15.06 -2.13 7.62
N PRO B 38 -14.46 -2.93 8.53
CA PRO B 38 -14.66 -4.37 8.60
C PRO B 38 -16.05 -4.67 9.17
N GLN B 39 -17.08 -4.41 8.35
CA GLN B 39 -18.50 -4.40 8.69
C GLN B 39 -19.29 -4.09 7.42
N THR B 40 -18.86 -3.07 6.68
CA THR B 40 -19.47 -2.62 5.43
C THR B 40 -18.47 -1.77 4.65
N GLY B 1 24.35 -0.11 -8.53
CA GLY B 1 23.05 0.03 -7.85
C GLY B 1 23.20 0.40 -6.38
N GLU B 2 22.08 0.54 -5.67
CA GLU B 2 22.06 0.88 -4.26
C GLU B 2 22.61 -0.29 -3.44
N ARG B 3 23.56 0.00 -2.55
CA ARG B 3 24.12 -0.97 -1.62
C ARG B 3 23.18 -1.09 -0.42
N ARG B 4 22.11 -1.90 -0.57
CA ARG B 4 21.07 -2.07 0.42
C ARG B 4 20.37 -3.42 0.23
N ARG B 5 19.79 -3.94 1.31
CA ARG B 5 18.90 -5.09 1.26
C ARG B 5 17.48 -4.55 1.04
N SER B 6 17.18 -4.18 -0.21
CA SER B 6 15.91 -3.57 -0.58
C SER B 6 14.74 -4.49 -0.25
N GLN B 7 13.69 -3.92 0.36
CA GLN B 7 12.50 -4.63 0.79
C GLN B 7 11.32 -3.63 0.73
N LEU B 8 10.28 -3.85 1.55
CA LEU B 8 9.17 -2.93 1.69
C LEU B 8 9.52 -1.77 2.63
N ASP B 9 10.61 -1.06 2.30
CA ASP B 9 11.11 0.08 3.03
C ASP B 9 10.20 1.30 2.83
N ARG B 10 10.65 2.46 3.33
CA ARG B 10 9.94 3.73 3.18
C ARG B 10 9.71 4.06 1.70
N ASP B 11 10.64 3.63 0.86
CA ASP B 11 10.65 3.75 -0.58
C ASP B 11 9.36 3.27 -1.26
N GLN B 12 8.75 2.17 -0.77
CA GLN B 12 7.65 1.50 -1.48
C GLN B 12 6.57 0.93 -0.57
N CYS B 13 5.55 0.33 -1.19
CA CYS B 13 4.39 -0.29 -0.54
C CYS B 13 4.79 -1.48 0.31
N ALA B 14 3.91 -1.83 1.25
CA ALA B 14 4.07 -2.92 2.20
C ALA B 14 3.03 -4.03 1.98
N TYR B 15 1.83 -3.64 1.58
CA TYR B 15 0.70 -4.53 1.37
C TYR B 15 0.93 -5.44 0.17
N CYS B 16 1.32 -4.82 -0.94
CA CYS B 16 1.46 -5.41 -2.26
C CYS B 16 2.87 -5.20 -2.82
N LYS B 17 3.63 -4.26 -2.24
CA LYS B 17 5.04 -4.03 -2.55
C LYS B 17 5.23 -3.68 -4.03
N GLU B 18 4.31 -2.87 -4.60
CA GLU B 18 4.26 -2.50 -6.01
C GLU B 18 4.78 -1.06 -6.16
N LYS B 19 5.20 -0.74 -7.39
CA LYS B 19 5.58 0.57 -7.87
C LYS B 19 6.26 1.47 -6.82
N GLY B 20 5.62 2.56 -6.43
CA GLY B 20 6.17 3.54 -5.51
C GLY B 20 5.10 4.25 -4.68
N HIS B 21 3.89 3.67 -4.57
CA HIS B 21 2.89 4.14 -3.62
C HIS B 21 3.21 3.49 -2.27
N TRP B 22 2.32 3.63 -1.28
CA TRP B 22 2.55 3.17 0.07
C TRP B 22 1.42 2.28 0.59
N ALA B 23 1.62 1.60 1.72
CA ALA B 23 0.61 0.77 2.36
C ALA B 23 -0.51 1.67 2.88
N LYS B 24 -0.10 2.91 3.20
CA LYS B 24 -0.91 4.05 3.51
C LYS B 24 -1.90 4.42 2.40
N ASP B 25 -1.53 4.20 1.14
CA ASP B 25 -2.23 4.68 -0.05
C ASP B 25 -2.78 3.54 -0.94
N CYS B 26 -2.21 2.34 -0.82
CA CYS B 26 -2.37 1.20 -1.69
C CYS B 26 -3.81 0.99 -2.18
N PRO B 27 -4.04 1.01 -3.51
CA PRO B 27 -5.36 0.85 -4.11
C PRO B 27 -5.83 -0.61 -4.12
N LYS B 28 -4.92 -1.57 -3.89
CA LYS B 28 -5.25 -2.98 -3.76
C LYS B 28 -6.02 -3.15 -2.45
N LYS B 29 -5.45 -2.55 -1.40
CA LYS B 29 -6.03 -2.35 -0.09
C LYS B 29 -7.07 -1.23 -0.15
N PRO B 30 -7.93 -1.11 0.87
CA PRO B 30 -8.81 0.04 1.09
C PRO B 30 -8.09 1.38 1.37
N ARG B 31 -6.85 1.57 0.89
CA ARG B 31 -6.07 2.80 0.98
C ARG B 31 -5.80 3.20 2.43
N GLY B 32 -4.96 2.43 3.13
CA GLY B 32 -4.49 2.74 4.48
C GLY B 32 -5.41 2.13 5.55
N PRO B 33 -4.92 2.06 6.81
CA PRO B 33 -5.64 1.48 7.93
C PRO B 33 -6.68 2.48 8.46
N ARG B 34 -7.71 2.74 7.65
CA ARG B 34 -8.73 3.74 7.92
C ARG B 34 -9.82 3.18 8.85
N GLY B 35 -10.36 1.99 8.53
CA GLY B 35 -11.41 1.38 9.34
C GLY B 35 -12.77 2.04 9.07
N PRO B 36 -13.78 1.93 9.97
CA PRO B 36 -15.05 2.64 9.98
C PRO B 36 -15.58 2.85 8.57
N ARG B 37 -15.72 1.64 8.02
CA ARG B 37 -15.96 1.24 6.66
C ARG B 37 -15.12 2.05 5.67
N PRO B 38 -13.95 1.54 5.25
CA PRO B 38 -12.99 2.28 4.46
C PRO B 38 -13.37 2.23 2.98
N GLN B 39 -14.47 2.90 2.61
CA GLN B 39 -14.91 2.97 1.22
C GLN B 39 -13.88 3.73 0.36
N THR B 40 -13.80 3.38 -0.93
CA THR B 40 -12.87 3.99 -1.87
C THR B 40 -13.31 3.63 -3.30
N GLY B 1 17.04 -5.83 -2.99
CA GLY B 1 18.32 -6.56 -3.11
C GLY B 1 19.53 -5.63 -3.01
N GLU B 2 20.67 -6.18 -2.58
CA GLU B 2 21.96 -5.51 -2.42
C GLU B 2 21.90 -4.39 -1.38
N ARG B 3 21.37 -3.23 -1.74
CA ARG B 3 21.32 -2.02 -0.93
C ARG B 3 19.88 -1.74 -0.49
N ARG B 4 19.06 -2.81 -0.38
CA ARG B 4 17.64 -2.76 -0.12
C ARG B 4 17.20 -4.19 0.19
N ARG B 5 16.14 -4.36 0.99
CA ARG B 5 15.58 -5.67 1.30
C ARG B 5 14.95 -6.28 0.05
N SER B 6 14.65 -7.59 0.08
CA SER B 6 14.01 -8.28 -1.02
C SER B 6 12.67 -7.62 -1.36
N GLN B 7 11.85 -7.40 -0.33
CA GLN B 7 10.59 -6.66 -0.40
C GLN B 7 10.43 -5.84 0.89
N LEU B 8 9.46 -4.93 0.89
CA LEU B 8 9.05 -4.13 2.02
C LEU B 8 10.19 -3.26 2.57
N ASP B 9 10.28 -2.02 2.09
CA ASP B 9 11.29 -1.04 2.46
C ASP B 9 10.65 0.35 2.62
N ARG B 10 11.49 1.35 2.82
CA ARG B 10 11.13 2.75 3.02
C ARG B 10 10.29 3.27 1.86
N ASP B 11 10.94 3.43 0.69
CA ASP B 11 10.42 3.93 -0.57
C ASP B 11 9.09 3.29 -1.02
N GLN B 12 9.00 1.97 -0.90
CA GLN B 12 7.92 1.18 -1.50
C GLN B 12 6.75 0.87 -0.55
N CYS B 13 5.67 0.37 -1.17
CA CYS B 13 4.43 -0.06 -0.53
C CYS B 13 4.69 -1.20 0.46
N ALA B 14 3.80 -1.29 1.46
CA ALA B 14 3.92 -2.19 2.60
C ALA B 14 2.94 -3.34 2.57
N TYR B 15 2.21 -3.52 1.47
CA TYR B 15 1.08 -4.43 1.36
C TYR B 15 1.29 -5.32 0.16
N CYS B 16 1.52 -4.67 -0.98
CA CYS B 16 1.64 -5.25 -2.29
C CYS B 16 3.05 -5.05 -2.86
N LYS B 17 3.84 -4.17 -2.23
CA LYS B 17 5.27 -4.00 -2.48
C LYS B 17 5.60 -3.21 -3.76
N GLU B 18 4.60 -2.54 -4.33
CA GLU B 18 4.74 -1.67 -5.49
C GLU B 18 5.43 -0.35 -5.09
N LYS B 19 6.27 0.17 -6.00
CA LYS B 19 7.12 1.34 -5.77
C LYS B 19 6.34 2.61 -6.08
N GLY B 20 5.52 2.56 -7.14
CA GLY B 20 4.74 3.68 -7.66
C GLY B 20 3.83 4.35 -6.62
N HIS B 21 3.52 3.67 -5.51
CA HIS B 21 2.69 4.23 -4.45
C HIS B 21 3.17 3.68 -3.10
N TRP B 22 2.36 3.86 -2.05
CA TRP B 22 2.68 3.50 -0.68
C TRP B 22 1.52 2.77 0.01
N ALA B 23 1.73 2.31 1.24
CA ALA B 23 0.67 1.69 2.05
C ALA B 23 -0.39 2.75 2.31
N LYS B 24 0.12 3.97 2.51
CA LYS B 24 -0.59 5.22 2.57
C LYS B 24 -1.61 5.37 1.42
N ASP B 25 -1.27 4.83 0.24
CA ASP B 25 -1.97 5.06 -1.01
C ASP B 25 -2.20 3.77 -1.81
N CYS B 26 -2.27 2.59 -1.18
CA CYS B 26 -2.38 1.35 -1.93
C CYS B 26 -3.84 1.14 -2.38
N PRO B 27 -4.10 0.97 -3.68
CA PRO B 27 -5.44 0.76 -4.22
C PRO B 27 -5.94 -0.67 -3.97
N LYS B 28 -5.03 -1.63 -3.79
CA LYS B 28 -5.35 -3.04 -3.56
C LYS B 28 -5.85 -3.20 -2.13
N LYS B 29 -5.17 -2.52 -1.20
CA LYS B 29 -5.61 -2.34 0.17
C LYS B 29 -6.99 -1.67 0.15
N PRO B 30 -7.92 -2.04 1.05
CA PRO B 30 -9.28 -1.54 1.04
C PRO B 30 -9.31 -0.10 1.55
N ARG B 31 -9.05 0.85 0.63
CA ARG B 31 -9.03 2.28 0.87
C ARG B 31 -10.41 2.74 1.35
N GLY B 32 -10.50 3.21 2.60
CA GLY B 32 -11.75 3.65 3.19
C GLY B 32 -12.20 5.02 2.64
N PRO B 33 -13.36 5.52 3.10
CA PRO B 33 -13.89 6.81 2.68
C PRO B 33 -12.96 7.97 2.98
N ARG B 34 -13.14 9.09 2.26
CA ARG B 34 -12.38 10.31 2.48
C ARG B 34 -12.89 10.98 3.77
N GLY B 35 -12.23 10.69 4.90
CA GLY B 35 -12.66 11.13 6.21
C GLY B 35 -13.72 10.18 6.78
N PRO B 36 -14.53 10.63 7.75
CA PRO B 36 -15.60 9.87 8.35
C PRO B 36 -16.86 10.19 7.56
N ARG B 37 -16.76 10.12 6.23
CA ARG B 37 -17.74 10.62 5.30
C ARG B 37 -19.16 10.12 5.60
N PRO B 38 -19.43 8.81 5.70
CA PRO B 38 -20.71 8.30 6.17
C PRO B 38 -20.84 8.50 7.68
N GLN B 39 -21.10 9.74 8.11
CA GLN B 39 -21.20 10.12 9.50
C GLN B 39 -22.60 9.75 10.03
N THR B 40 -22.82 8.44 10.19
CA THR B 40 -24.08 7.89 10.69
C THR B 40 -24.19 8.12 12.19
N GLY B 1 15.86 7.43 0.10
CA GLY B 1 15.28 6.09 0.28
C GLY B 1 16.08 5.25 1.27
N GLU B 2 17.11 4.54 0.74
CA GLU B 2 18.08 3.80 1.52
C GLU B 2 17.38 2.83 2.48
N ARG B 3 16.52 1.97 1.92
CA ARG B 3 15.69 1.04 2.67
C ARG B 3 16.53 0.12 3.58
N ARG B 4 15.96 -0.27 4.72
CA ARG B 4 16.60 -1.12 5.70
C ARG B 4 16.57 -2.57 5.18
N ARG B 5 15.36 -3.11 4.97
CA ARG B 5 15.14 -4.38 4.30
C ARG B 5 15.39 -4.22 2.80
N SER B 6 15.42 -5.33 2.07
CA SER B 6 15.46 -5.33 0.61
C SER B 6 14.15 -4.80 0.04
N GLN B 7 13.03 -5.36 0.49
CA GLN B 7 11.67 -5.01 0.08
C GLN B 7 10.79 -4.77 1.31
N LEU B 8 9.57 -4.26 1.10
CA LEU B 8 8.60 -3.99 2.12
C LEU B 8 9.18 -3.11 3.24
N ASP B 9 9.57 -1.88 2.85
CA ASP B 9 10.33 -0.99 3.71
C ASP B 9 9.94 0.46 3.40
N ARG B 10 10.85 1.41 3.66
CA ARG B 10 10.75 2.85 3.47
C ARG B 10 10.05 3.20 2.16
N ASP B 11 10.75 3.04 1.03
CA ASP B 11 10.33 3.44 -0.29
C ASP B 11 9.07 2.71 -0.77
N GLN B 12 9.08 1.37 -0.72
CA GLN B 12 8.08 0.53 -1.35
C GLN B 12 6.70 0.56 -0.66
N CYS B 13 5.68 0.14 -1.42
CA CYS B 13 4.35 -0.11 -0.91
C CYS B 13 4.38 -1.32 0.03
N ALA B 14 3.98 -1.09 1.28
CA ALA B 14 4.06 -2.07 2.35
C ALA B 14 2.86 -3.02 2.35
N TYR B 15 2.52 -3.56 1.17
CA TYR B 15 1.34 -4.39 1.00
C TYR B 15 1.54 -5.24 -0.24
N CYS B 16 1.86 -4.54 -1.33
CA CYS B 16 1.91 -5.07 -2.67
C CYS B 16 3.22 -4.76 -3.39
N LYS B 17 3.99 -3.78 -2.89
CA LYS B 17 5.32 -3.43 -3.39
C LYS B 17 5.27 -3.02 -4.87
N GLU B 18 4.30 -2.18 -5.24
CA GLU B 18 4.05 -1.78 -6.63
C GLU B 18 5.08 -0.78 -7.15
N LYS B 19 4.89 -0.53 -8.45
CA LYS B 19 5.41 0.47 -9.36
C LYS B 19 5.78 1.78 -8.66
N GLY B 20 4.77 2.49 -8.12
CA GLY B 20 4.99 3.83 -7.61
C GLY B 20 3.79 4.39 -6.86
N HIS B 21 3.58 3.87 -5.65
CA HIS B 21 2.66 4.40 -4.65
C HIS B 21 3.14 3.89 -3.27
N TRP B 22 2.26 3.86 -2.27
CA TRP B 22 2.60 3.40 -0.94
C TRP B 22 1.48 2.57 -0.31
N ALA B 23 1.71 1.99 0.89
CA ALA B 23 0.66 1.30 1.65
C ALA B 23 -0.42 2.31 2.05
N LYS B 24 0.04 3.54 2.26
CA LYS B 24 -0.74 4.75 2.44
C LYS B 24 -1.81 4.88 1.37
N ASP B 25 -1.38 4.68 0.12
CA ASP B 25 -2.12 4.97 -1.09
C ASP B 25 -2.53 3.72 -1.87
N CYS B 26 -2.31 2.51 -1.36
CA CYS B 26 -2.46 1.31 -2.17
C CYS B 26 -3.91 1.12 -2.66
N PRO B 27 -4.12 1.01 -3.97
CA PRO B 27 -5.42 0.82 -4.59
C PRO B 27 -5.94 -0.62 -4.44
N LYS B 28 -5.03 -1.59 -4.27
CA LYS B 28 -5.35 -3.00 -4.09
C LYS B 28 -5.87 -3.21 -2.66
N LYS B 29 -5.18 -2.59 -1.71
CA LYS B 29 -5.52 -2.52 -0.30
C LYS B 29 -6.86 -1.79 -0.14
N PRO B 30 -7.69 -2.17 0.86
CA PRO B 30 -8.93 -1.48 1.17
C PRO B 30 -8.60 -0.13 1.84
N ARG B 31 -8.20 0.84 1.01
CA ARG B 31 -7.79 2.18 1.43
C ARG B 31 -8.98 2.93 2.03
N GLY B 32 -10.11 2.96 1.30
CA GLY B 32 -11.34 3.56 1.76
C GLY B 32 -12.51 3.15 0.86
N PRO B 33 -12.85 1.85 0.79
CA PRO B 33 -13.96 1.37 -0.02
C PRO B 33 -15.30 1.82 0.57
N ARG B 34 -16.27 2.10 -0.30
CA ARG B 34 -17.61 2.59 0.03
C ARG B 34 -17.58 4.04 0.51
N GLY B 35 -16.99 4.27 1.69
CA GLY B 35 -16.87 5.57 2.32
C GLY B 35 -17.42 5.55 3.75
N PRO B 36 -17.33 6.68 4.46
CA PRO B 36 -17.82 6.86 5.82
C PRO B 36 -19.28 7.29 5.70
N ARG B 37 -20.09 6.42 5.10
CA ARG B 37 -21.45 6.74 4.70
C ARG B 37 -22.31 7.03 5.93
N PRO B 38 -23.41 7.80 5.77
CA PRO B 38 -24.41 7.96 6.83
C PRO B 38 -24.96 6.59 7.21
N GLN B 39 -25.25 6.40 8.51
CA GLN B 39 -25.59 5.13 9.15
C GLN B 39 -24.31 4.34 9.40
N THR B 40 -23.48 4.18 8.35
CA THR B 40 -22.14 3.61 8.38
C THR B 40 -22.17 2.08 8.38
N GLY B 1 19.27 -5.35 10.89
CA GLY B 1 19.41 -5.73 9.48
C GLY B 1 18.56 -6.94 9.15
N GLU B 2 17.25 -6.70 8.96
CA GLU B 2 16.24 -7.74 8.87
C GLU B 2 15.99 -8.13 7.41
N ARG B 3 14.87 -7.69 6.82
CA ARG B 3 14.38 -8.15 5.52
C ARG B 3 14.37 -9.68 5.45
N ARG B 4 13.86 -10.31 6.51
CA ARG B 4 13.90 -11.76 6.68
C ARG B 4 13.04 -12.48 5.65
N ARG B 5 11.96 -11.82 5.17
CA ARG B 5 11.15 -12.29 4.07
C ARG B 5 10.65 -11.09 3.28
N SER B 6 10.21 -11.34 2.03
CA SER B 6 9.71 -10.33 1.11
C SER B 6 10.76 -9.22 0.88
N GLN B 7 10.30 -8.00 0.58
CA GLN B 7 11.13 -6.85 0.28
C GLN B 7 10.68 -5.68 1.16
N LEU B 8 9.51 -5.11 0.83
CA LEU B 8 8.77 -4.14 1.62
C LEU B 8 9.66 -3.02 2.18
N ASP B 9 10.39 -2.34 1.28
CA ASP B 9 11.32 -1.28 1.65
C ASP B 9 10.60 0.07 1.70
N ARG B 10 11.40 1.13 1.90
CA ARG B 10 11.01 2.52 1.98
C ARG B 10 10.09 2.92 0.81
N ASP B 11 10.66 3.10 -0.37
CA ASP B 11 10.01 3.59 -1.58
C ASP B 11 8.81 2.77 -2.05
N GLN B 12 8.77 1.47 -1.72
CA GLN B 12 7.81 0.51 -2.27
C GLN B 12 6.46 0.52 -1.54
N CYS B 13 5.39 0.10 -2.23
CA CYS B 13 4.09 -0.15 -1.61
C CYS B 13 4.21 -1.30 -0.61
N ALA B 14 3.52 -1.16 0.52
CA ALA B 14 3.54 -2.11 1.63
C ALA B 14 2.57 -3.27 1.42
N TYR B 15 2.27 -3.61 0.17
CA TYR B 15 1.21 -4.53 -0.24
C TYR B 15 1.64 -5.20 -1.54
N CYS B 16 1.96 -4.35 -2.52
CA CYS B 16 2.20 -4.66 -3.92
C CYS B 16 3.67 -4.52 -4.28
N LYS B 17 4.41 -3.69 -3.51
CA LYS B 17 5.75 -3.24 -3.84
C LYS B 17 5.82 -2.80 -5.31
N GLU B 18 4.77 -2.09 -5.75
CA GLU B 18 4.50 -1.77 -7.14
C GLU B 18 5.47 -0.75 -7.74
N LYS B 19 5.33 -0.66 -9.07
CA LYS B 19 5.81 0.26 -10.05
C LYS B 19 6.06 1.65 -9.46
N GLY B 20 4.99 2.30 -8.99
CA GLY B 20 5.06 3.68 -8.54
C GLY B 20 3.84 4.14 -7.75
N HIS B 21 3.52 3.43 -6.65
CA HIS B 21 2.54 3.89 -5.67
C HIS B 21 2.96 3.36 -4.31
N TRP B 22 2.23 3.74 -3.26
CA TRP B 22 2.54 3.43 -1.87
C TRP B 22 1.35 2.83 -1.14
N ALA B 23 1.53 2.37 0.11
CA ALA B 23 0.45 1.84 0.94
C ALA B 23 -0.56 2.97 1.18
N LYS B 24 0.00 4.17 1.37
CA LYS B 24 -0.67 5.46 1.43
C LYS B 24 -1.67 5.62 0.28
N ASP B 25 -1.27 5.24 -0.93
CA ASP B 25 -1.95 5.49 -2.19
C ASP B 25 -2.47 4.20 -2.84
N CYS B 26 -2.43 3.07 -2.13
CA CYS B 26 -2.65 1.77 -2.76
C CYS B 26 -4.08 1.60 -3.28
N PRO B 27 -4.23 1.24 -4.57
CA PRO B 27 -5.50 0.96 -5.22
C PRO B 27 -5.94 -0.50 -5.02
N LYS B 28 -4.99 -1.44 -4.89
CA LYS B 28 -5.30 -2.86 -4.76
C LYS B 28 -5.87 -3.17 -3.37
N LYS B 29 -5.54 -2.32 -2.38
CA LYS B 29 -6.06 -2.39 -1.03
C LYS B 29 -7.58 -2.23 -1.07
N PRO B 30 -8.34 -3.09 -0.35
CA PRO B 30 -9.77 -2.90 -0.12
C PRO B 30 -10.01 -1.46 0.39
N ARG B 31 -10.55 -0.60 -0.48
CA ARG B 31 -10.60 0.83 -0.24
C ARG B 31 -11.76 1.42 -1.04
N GLY B 32 -12.99 1.08 -0.65
CA GLY B 32 -14.21 1.51 -1.32
C GLY B 32 -15.43 0.84 -0.69
N PRO B 33 -16.60 0.92 -1.34
CA PRO B 33 -17.84 0.31 -0.89
C PRO B 33 -17.70 -1.19 -0.65
N ARG B 34 -18.51 -1.72 0.27
CA ARG B 34 -18.53 -3.14 0.64
C ARG B 34 -19.92 -3.52 1.16
N GLY B 35 -20.47 -2.71 2.08
CA GLY B 35 -21.81 -2.88 2.61
C GLY B 35 -22.34 -1.54 3.10
N PRO B 36 -22.70 -0.61 2.20
CA PRO B 36 -23.20 0.71 2.54
C PRO B 36 -24.71 0.60 2.73
N ARG B 37 -25.12 -0.29 3.64
CA ARG B 37 -26.50 -0.70 3.79
C ARG B 37 -27.36 0.49 4.25
N PRO B 38 -28.44 0.84 3.52
CA PRO B 38 -29.35 1.91 3.90
C PRO B 38 -30.36 1.40 4.95
N GLN B 39 -29.84 0.93 6.09
CA GLN B 39 -30.62 0.41 7.20
C GLN B 39 -29.69 0.28 8.41
N THR B 40 -30.24 0.44 9.62
CA THR B 40 -29.55 0.13 10.86
C THR B 40 -29.34 -1.38 10.95
N GLY B 1 11.36 0.94 17.28
CA GLY B 1 12.36 1.19 16.24
C GLY B 1 12.40 0.06 15.20
N GLU B 2 11.50 0.12 14.21
CA GLU B 2 11.36 -0.91 13.19
C GLU B 2 12.57 -0.91 12.24
N ARG B 3 12.99 0.29 11.79
CA ARG B 3 14.11 0.53 10.90
C ARG B 3 13.81 0.15 9.45
N ARG B 4 13.43 -1.11 9.22
CA ARG B 4 13.15 -1.71 7.92
C ARG B 4 14.44 -1.75 7.09
N ARG B 5 14.43 -1.21 5.87
CA ARG B 5 15.57 -1.15 4.95
C ARG B 5 16.15 -2.54 4.70
N SER B 6 15.30 -3.43 4.17
CA SER B 6 15.63 -4.77 3.73
C SER B 6 14.58 -5.20 2.70
N GLN B 7 13.34 -5.37 3.16
CA GLN B 7 12.16 -5.58 2.34
C GLN B 7 10.98 -4.88 3.01
N LEU B 8 9.86 -4.74 2.28
CA LEU B 8 8.65 -4.09 2.78
C LEU B 8 8.97 -2.66 3.24
N ASP B 9 9.87 -2.00 2.50
CA ASP B 9 10.49 -0.73 2.87
C ASP B 9 9.75 0.49 2.32
N ARG B 10 10.44 1.62 2.15
CA ARG B 10 9.88 2.93 1.84
C ARG B 10 9.67 3.10 0.34
N ASP B 11 10.57 2.55 -0.46
CA ASP B 11 10.47 2.52 -1.92
C ASP B 11 9.17 1.85 -2.39
N GLN B 12 8.78 0.75 -1.74
CA GLN B 12 7.72 -0.15 -2.16
C GLN B 12 6.45 -0.05 -1.32
N CYS B 13 5.30 -0.40 -1.92
CA CYS B 13 4.02 -0.58 -1.23
C CYS B 13 4.12 -1.71 -0.23
N ALA B 14 3.30 -1.65 0.81
CA ALA B 14 3.21 -2.66 1.86
C ALA B 14 2.02 -3.59 1.66
N TYR B 15 1.83 -4.07 0.42
CA TYR B 15 0.66 -4.85 0.02
C TYR B 15 0.94 -5.51 -1.32
N CYS B 16 1.45 -4.68 -2.25
CA CYS B 16 1.70 -4.97 -3.64
C CYS B 16 3.20 -5.13 -3.86
N LYS B 17 4.00 -4.46 -3.02
CA LYS B 17 5.43 -4.36 -3.19
C LYS B 17 5.76 -3.56 -4.47
N GLU B 18 4.80 -2.72 -4.88
CA GLU B 18 4.77 -1.91 -6.08
C GLU B 18 5.24 -0.51 -5.73
N LYS B 19 6.06 0.07 -6.60
CA LYS B 19 6.75 1.33 -6.37
C LYS B 19 5.89 2.51 -6.79
N GLY B 20 5.09 2.30 -7.85
CA GLY B 20 4.14 3.24 -8.40
C GLY B 20 3.25 3.93 -7.35
N HIS B 21 3.02 3.28 -6.20
CA HIS B 21 2.34 3.91 -5.08
C HIS B 21 2.91 3.37 -3.76
N TRP B 22 2.24 3.67 -2.64
CA TRP B 22 2.62 3.24 -1.30
C TRP B 22 1.39 2.77 -0.54
N ALA B 23 1.57 2.10 0.61
CA ALA B 23 0.46 1.51 1.35
C ALA B 23 -0.61 2.55 1.75
N LYS B 24 -0.19 3.81 1.96
CA LYS B 24 -1.07 4.94 2.18
C LYS B 24 -2.14 5.05 1.09
N ASP B 25 -1.68 5.04 -0.16
CA ASP B 25 -2.41 5.34 -1.37
C ASP B 25 -3.07 4.09 -1.96
N CYS B 26 -2.40 2.95 -1.77
CA CYS B 26 -2.63 1.66 -2.38
C CYS B 26 -4.08 1.40 -2.83
N PRO B 27 -4.31 1.31 -4.15
CA PRO B 27 -5.61 1.03 -4.73
C PRO B 27 -6.05 -0.42 -4.52
N LYS B 28 -5.10 -1.36 -4.35
CA LYS B 28 -5.41 -2.77 -4.19
C LYS B 28 -5.84 -3.09 -2.75
N LYS B 29 -5.51 -2.20 -1.80
CA LYS B 29 -5.91 -2.31 -0.40
C LYS B 29 -7.43 -2.10 -0.30
N PRO B 30 -8.12 -2.82 0.61
CA PRO B 30 -9.54 -2.62 0.85
C PRO B 30 -9.73 -1.36 1.69
N ARG B 31 -10.66 -0.49 1.26
CA ARG B 31 -10.91 0.82 1.83
C ARG B 31 -12.42 1.05 1.92
N GLY B 32 -12.83 2.01 2.77
CA GLY B 32 -14.24 2.35 2.95
C GLY B 32 -14.80 3.07 1.71
N PRO B 33 -16.14 3.13 1.58
CA PRO B 33 -16.80 3.77 0.45
C PRO B 33 -16.65 5.30 0.52
N ARG B 34 -16.85 5.96 -0.63
CA ARG B 34 -16.72 7.40 -0.76
C ARG B 34 -18.00 8.08 -0.25
N GLY B 35 -18.16 8.08 1.07
CA GLY B 35 -19.33 8.60 1.78
C GLY B 35 -19.69 7.65 2.93
N PRO B 36 -20.76 7.95 3.68
CA PRO B 36 -21.25 7.12 4.77
C PRO B 36 -22.23 6.11 4.17
N ARG B 37 -21.81 5.42 3.10
CA ARG B 37 -22.70 4.62 2.29
C ARG B 37 -23.04 3.30 3.02
N PRO B 38 -24.22 2.71 2.77
CA PRO B 38 -24.58 1.40 3.30
C PRO B 38 -23.54 0.32 2.97
N GLN B 39 -23.42 -0.68 3.84
CA GLN B 39 -22.58 -1.85 3.63
C GLN B 39 -23.06 -2.65 2.41
N THR B 40 -24.39 -2.77 2.28
CA THR B 40 -25.06 -3.42 1.16
C THR B 40 -26.47 -2.82 1.02
N GLY B 1 13.76 -4.11 -12.73
CA GLY B 1 14.82 -5.09 -12.49
C GLY B 1 15.05 -5.34 -11.00
N GLU B 2 16.07 -6.14 -10.67
CA GLU B 2 16.50 -6.47 -9.32
C GLU B 2 15.45 -7.32 -8.59
N ARG B 3 15.66 -8.63 -8.55
CA ARG B 3 14.79 -9.57 -7.85
C ARG B 3 14.85 -9.33 -6.33
N ARG B 4 16.05 -9.44 -5.76
CA ARG B 4 16.31 -9.27 -4.33
C ARG B 4 15.43 -10.25 -3.53
N ARG B 5 14.59 -9.73 -2.64
CA ARG B 5 13.57 -10.47 -1.90
C ARG B 5 12.31 -9.60 -1.84
N SER B 6 11.18 -10.20 -1.42
CA SER B 6 9.89 -9.53 -1.32
C SER B 6 9.81 -8.67 -0.06
N GLN B 7 10.69 -7.66 0.01
CA GLN B 7 10.75 -6.70 1.10
C GLN B 7 9.65 -5.65 0.94
N LEU B 8 9.52 -4.77 1.95
CA LEU B 8 8.66 -3.59 1.91
C LEU B 8 9.38 -2.48 2.68
N ASP B 9 10.29 -1.83 1.96
CA ASP B 9 11.26 -0.87 2.49
C ASP B 9 10.59 0.44 2.91
N ARG B 10 11.43 1.39 3.33
CA ARG B 10 11.07 2.78 3.58
C ARG B 10 10.42 3.35 2.32
N ASP B 11 11.11 3.19 1.18
CA ASP B 11 10.76 3.70 -0.13
C ASP B 11 9.46 3.13 -0.73
N GLN B 12 9.38 1.80 -0.86
CA GLN B 12 8.33 1.11 -1.62
C GLN B 12 7.09 0.71 -0.81
N CYS B 13 6.00 0.36 -1.52
CA CYS B 13 4.70 0.04 -0.94
C CYS B 13 4.75 -1.17 -0.01
N ALA B 14 4.10 -1.03 1.15
CA ALA B 14 3.98 -2.03 2.18
C ALA B 14 2.84 -3.02 1.90
N TYR B 15 2.75 -3.52 0.67
CA TYR B 15 1.63 -4.32 0.22
C TYR B 15 1.98 -4.94 -1.14
N CYS B 16 2.41 -4.07 -2.04
CA CYS B 16 2.63 -4.33 -3.46
C CYS B 16 4.11 -4.25 -3.80
N LYS B 17 4.86 -3.43 -3.04
CA LYS B 17 6.24 -3.03 -3.32
C LYS B 17 6.39 -2.77 -4.82
N GLU B 18 5.54 -1.85 -5.31
CA GLU B 18 5.31 -1.54 -6.70
C GLU B 18 6.18 -0.37 -7.16
N LYS B 19 6.24 -0.19 -8.49
CA LYS B 19 6.98 0.82 -9.24
C LYS B 19 7.07 2.17 -8.54
N GLY B 20 5.94 2.77 -8.20
CA GLY B 20 5.93 4.15 -7.73
C GLY B 20 4.65 4.58 -7.01
N HIS B 21 4.29 3.84 -5.95
CA HIS B 21 3.27 4.24 -5.01
C HIS B 21 3.64 3.67 -3.64
N TRP B 22 2.93 4.11 -2.58
CA TRP B 22 3.22 3.75 -1.20
C TRP B 22 1.98 3.22 -0.50
N ALA B 23 2.13 2.60 0.68
CA ALA B 23 0.98 2.10 1.43
C ALA B 23 -0.01 3.20 1.82
N LYS B 24 0.39 4.48 1.76
CA LYS B 24 -0.52 5.61 1.88
C LYS B 24 -1.52 5.63 0.72
N ASP B 25 -0.99 5.72 -0.51
CA ASP B 25 -1.72 5.90 -1.76
C ASP B 25 -2.36 4.60 -2.28
N CYS B 26 -1.73 3.48 -1.94
CA CYS B 26 -1.96 2.13 -2.47
C CYS B 26 -3.42 1.80 -2.82
N PRO B 27 -3.68 1.33 -4.05
CA PRO B 27 -5.01 0.98 -4.51
C PRO B 27 -5.44 -0.38 -3.98
N LYS B 28 -4.48 -1.29 -3.78
CA LYS B 28 -4.73 -2.63 -3.27
C LYS B 28 -5.04 -2.63 -1.77
N LYS B 29 -4.77 -1.52 -1.08
CA LYS B 29 -5.04 -1.34 0.33
C LYS B 29 -6.54 -1.51 0.59
N PRO B 30 -6.95 -2.39 1.54
CA PRO B 30 -8.35 -2.67 1.81
C PRO B 30 -9.05 -1.41 2.34
N ARG B 31 -10.12 -1.00 1.64
CA ARG B 31 -10.88 0.23 1.87
C ARG B 31 -9.99 1.44 2.14
N GLY B 32 -8.88 1.58 1.38
CA GLY B 32 -7.89 2.62 1.59
C GLY B 32 -8.33 3.94 0.93
N PRO B 33 -7.86 4.23 -0.30
CA PRO B 33 -8.09 5.52 -0.96
C PRO B 33 -9.53 5.62 -1.46
N ARG B 34 -10.03 6.86 -1.58
CA ARG B 34 -11.39 7.17 -1.98
C ARG B 34 -11.73 6.48 -3.31
N GLY B 35 -12.85 5.74 -3.32
CA GLY B 35 -13.29 4.95 -4.46
C GLY B 35 -14.60 4.25 -4.10
N PRO B 36 -14.97 3.17 -4.84
CA PRO B 36 -16.16 2.39 -4.59
C PRO B 36 -15.79 1.35 -3.54
N ARG B 37 -15.35 1.83 -2.37
CA ARG B 37 -14.74 1.01 -1.35
C ARG B 37 -15.76 0.06 -0.70
N PRO B 38 -15.30 -1.10 -0.19
CA PRO B 38 -16.11 -1.99 0.64
C PRO B 38 -16.76 -1.27 1.82
N GLN B 39 -15.97 -0.48 2.57
CA GLN B 39 -16.37 0.21 3.79
C GLN B 39 -16.79 -0.79 4.89
N THR B 40 -17.13 -0.25 6.07
CA THR B 40 -17.49 -1.01 7.25
C THR B 40 -18.20 -0.07 8.24
N GLY B 1 20.69 3.27 11.66
CA GLY B 1 20.06 1.94 11.71
C GLY B 1 20.66 0.99 10.67
N GLU B 2 20.07 -0.21 10.55
CA GLU B 2 20.51 -1.21 9.59
C GLU B 2 20.15 -0.77 8.16
N ARG B 3 20.90 -1.27 7.18
CA ARG B 3 20.61 -1.09 5.76
C ARG B 3 19.28 -1.77 5.40
N ARG B 4 18.74 -1.45 4.21
CA ARG B 4 17.54 -2.09 3.69
C ARG B 4 17.76 -3.61 3.55
N ARG B 5 16.68 -4.37 3.75
CA ARG B 5 16.62 -5.79 3.47
C ARG B 5 15.80 -5.99 2.18
N SER B 6 15.69 -7.25 1.74
CA SER B 6 14.91 -7.63 0.57
C SER B 6 13.41 -7.63 0.93
N GLN B 7 12.84 -6.43 1.12
CA GLN B 7 11.48 -6.25 1.61
C GLN B 7 10.96 -4.86 1.24
N LEU B 8 9.77 -4.54 1.76
CA LEU B 8 9.11 -3.25 1.67
C LEU B 8 10.00 -2.09 2.11
N ASP B 9 10.45 -2.11 3.36
CA ASP B 9 11.18 -1.03 4.03
C ASP B 9 10.35 0.26 4.02
N ARG B 10 11.02 1.42 4.01
CA ARG B 10 10.38 2.73 4.00
C ARG B 10 10.09 3.18 2.57
N ASP B 11 10.96 2.86 1.63
CA ASP B 11 10.84 3.18 0.22
C ASP B 11 9.49 2.74 -0.38
N GLN B 12 9.18 1.43 -0.28
CA GLN B 12 8.08 0.80 -0.99
C GLN B 12 6.83 0.58 -0.12
N CYS B 13 5.70 0.23 -0.77
CA CYS B 13 4.45 -0.09 -0.09
C CYS B 13 4.61 -1.30 0.84
N ALA B 14 4.13 -1.13 2.07
CA ALA B 14 4.10 -2.12 3.12
C ALA B 14 2.98 -3.14 2.92
N TYR B 15 2.85 -3.70 1.71
CA TYR B 15 1.71 -4.53 1.35
C TYR B 15 2.02 -5.18 0.01
N CYS B 16 2.38 -4.35 -0.97
CA CYS B 16 2.52 -4.69 -2.38
C CYS B 16 3.94 -4.46 -2.87
N LYS B 17 4.64 -3.51 -2.23
CA LYS B 17 5.92 -2.97 -2.63
C LYS B 17 5.98 -2.77 -4.15
N GLU B 18 4.99 -2.02 -4.65
CA GLU B 18 4.79 -1.73 -6.06
C GLU B 18 5.64 -0.54 -6.49
N LYS B 19 5.76 -0.37 -7.81
CA LYS B 19 6.50 0.66 -8.53
C LYS B 19 6.47 2.03 -7.84
N GLY B 20 5.27 2.58 -7.61
CA GLY B 20 5.15 3.97 -7.18
C GLY B 20 3.90 4.26 -6.35
N HIS B 21 3.63 3.47 -5.31
CA HIS B 21 2.63 3.79 -4.30
C HIS B 21 3.11 3.27 -2.95
N TRP B 22 2.43 3.66 -1.85
CA TRP B 22 2.84 3.37 -0.49
C TRP B 22 1.69 2.86 0.35
N ALA B 23 1.94 2.29 1.55
CA ALA B 23 0.87 1.77 2.40
C ALA B 23 -0.13 2.87 2.84
N LYS B 24 0.22 4.15 2.66
CA LYS B 24 -0.70 5.27 2.79
C LYS B 24 -1.76 5.21 1.68
N ASP B 25 -1.27 5.25 0.44
CA ASP B 25 -2.04 5.43 -0.79
C ASP B 25 -2.69 4.14 -1.30
N CYS B 26 -2.13 2.99 -0.91
CA CYS B 26 -2.38 1.65 -1.41
C CYS B 26 -3.82 1.41 -1.90
N PRO B 27 -4.01 1.17 -3.21
CA PRO B 27 -5.32 0.95 -3.81
C PRO B 27 -5.73 -0.52 -3.74
N LYS B 28 -4.75 -1.43 -3.63
CA LYS B 28 -4.96 -2.86 -3.48
C LYS B 28 -5.63 -3.11 -2.13
N LYS B 29 -5.08 -2.43 -1.12
CA LYS B 29 -5.54 -2.33 0.25
C LYS B 29 -6.84 -1.51 0.27
N PRO B 30 -7.72 -1.71 1.28
CA PRO B 30 -8.97 -0.98 1.39
C PRO B 30 -8.69 0.40 2.00
N ARG B 31 -7.93 1.22 1.26
CA ARG B 31 -7.44 2.52 1.67
C ARG B 31 -7.19 3.35 0.40
N GLY B 32 -8.19 3.39 -0.49
CA GLY B 32 -8.11 4.08 -1.76
C GLY B 32 -9.47 4.03 -2.45
N PRO B 33 -9.83 2.91 -3.11
CA PRO B 33 -11.14 2.69 -3.69
C PRO B 33 -12.15 2.36 -2.58
N ARG B 34 -12.45 3.35 -1.73
CA ARG B 34 -13.25 3.19 -0.53
C ARG B 34 -13.85 4.55 -0.20
N GLY B 35 -15.11 4.76 -0.59
CA GLY B 35 -15.80 6.04 -0.53
C GLY B 35 -16.53 6.26 -1.85
N PRO B 36 -17.45 5.34 -2.26
CA PRO B 36 -18.18 5.29 -3.52
C PRO B 36 -17.33 5.86 -4.63
N ARG B 37 -16.18 5.18 -4.67
CA ARG B 37 -14.95 5.41 -5.35
C ARG B 37 -14.57 6.89 -5.39
N PRO B 38 -13.66 7.35 -4.50
CA PRO B 38 -13.21 8.74 -4.46
C PRO B 38 -12.10 8.95 -5.49
N GLN B 39 -12.41 8.65 -6.76
CA GLN B 39 -11.49 8.65 -7.90
C GLN B 39 -10.21 7.88 -7.58
N THR B 40 -10.33 6.55 -7.55
CA THR B 40 -9.20 5.63 -7.40
C THR B 40 -9.50 4.39 -8.23
N GLY B 1 24.69 -1.19 -5.79
CA GLY B 1 23.23 -1.36 -5.94
C GLY B 1 22.51 -1.23 -4.60
N GLU B 2 21.21 -1.57 -4.58
CA GLU B 2 20.36 -1.57 -3.41
C GLU B 2 20.22 -0.17 -2.80
N ARG B 3 20.99 0.13 -1.76
CA ARG B 3 21.00 1.39 -1.01
C ARG B 3 19.64 1.68 -0.37
N ARG B 4 18.69 2.22 -1.14
CA ARG B 4 17.33 2.49 -0.71
C ARG B 4 16.45 1.26 -0.97
N ARG B 5 16.56 0.67 -2.16
CA ARG B 5 15.65 -0.37 -2.63
C ARG B 5 16.20 -1.76 -2.35
N SER B 6 15.90 -2.29 -1.15
CA SER B 6 16.12 -3.68 -0.79
C SER B 6 14.80 -4.41 -1.03
N GLN B 7 13.98 -4.58 0.01
CA GLN B 7 12.60 -5.05 -0.08
C GLN B 7 11.82 -4.37 1.05
N LEU B 8 10.50 -4.27 0.86
CA LEU B 8 9.56 -3.64 1.76
C LEU B 8 10.11 -2.35 2.37
N ASP B 9 10.61 -1.48 1.50
CA ASP B 9 11.38 -0.30 1.87
C ASP B 9 10.47 0.90 2.15
N ARG B 10 11.09 2.03 2.47
CA ARG B 10 10.41 3.32 2.54
C ARG B 10 10.04 3.81 1.15
N ASP B 11 10.75 3.34 0.13
CA ASP B 11 10.40 3.54 -1.26
C ASP B 11 9.10 2.81 -1.62
N GLN B 12 9.09 1.50 -1.37
CA GLN B 12 8.08 0.56 -1.84
C GLN B 12 6.82 0.52 -0.97
N CYS B 13 5.67 0.17 -1.61
CA CYS B 13 4.43 -0.13 -0.91
C CYS B 13 4.65 -1.33 -0.01
N ALA B 14 4.17 -1.25 1.22
CA ALA B 14 4.32 -2.30 2.20
C ALA B 14 3.64 -3.60 1.77
N TYR B 15 2.51 -3.46 1.07
CA TYR B 15 1.58 -4.50 0.70
C TYR B 15 1.99 -5.18 -0.60
N CYS B 16 2.19 -4.34 -1.63
CA CYS B 16 2.37 -4.72 -3.03
C CYS B 16 3.83 -4.59 -3.43
N LYS B 17 4.48 -3.57 -2.88
CA LYS B 17 5.80 -3.15 -3.31
C LYS B 17 5.77 -2.83 -4.81
N GLU B 18 4.77 -2.06 -5.23
CA GLU B 18 4.50 -1.72 -6.63
C GLU B 18 5.40 -0.55 -7.07
N LYS B 19 5.36 -0.28 -8.38
CA LYS B 19 5.99 0.80 -9.15
C LYS B 19 6.54 1.96 -8.30
N GLY B 20 5.65 2.62 -7.57
CA GLY B 20 5.96 3.82 -6.82
C GLY B 20 4.83 4.31 -5.90
N HIS B 21 3.67 3.64 -5.85
CA HIS B 21 2.69 3.96 -4.82
C HIS B 21 3.16 3.37 -3.49
N TRP B 22 2.51 3.75 -2.38
CA TRP B 22 2.88 3.33 -1.03
C TRP B 22 1.71 2.71 -0.29
N ALA B 23 1.94 2.10 0.88
CA ALA B 23 0.85 1.55 1.69
C ALA B 23 -0.18 2.64 2.02
N LYS B 24 0.24 3.91 2.10
CA LYS B 24 -0.65 5.04 2.25
C LYS B 24 -1.51 5.28 1.01
N ASP B 25 -0.92 5.18 -0.18
CA ASP B 25 -1.55 5.44 -1.46
C ASP B 25 -1.97 4.13 -2.13
N CYS B 26 -2.15 3.06 -1.35
CA CYS B 26 -2.35 1.75 -1.94
C CYS B 26 -3.78 1.59 -2.50
N PRO B 27 -3.92 1.32 -3.81
CA PRO B 27 -5.20 1.09 -4.46
C PRO B 27 -5.70 -0.34 -4.28
N LYS B 28 -4.78 -1.32 -4.15
CA LYS B 28 -5.11 -2.72 -4.02
C LYS B 28 -5.74 -2.97 -2.65
N LYS B 29 -5.27 -2.23 -1.65
CA LYS B 29 -5.82 -2.17 -0.32
C LYS B 29 -7.21 -1.56 -0.36
N PRO B 30 -7.99 -1.72 0.73
CA PRO B 30 -9.35 -1.21 0.85
C PRO B 30 -9.54 0.22 0.34
N ARG B 31 -8.62 1.13 0.70
CA ARG B 31 -8.61 2.54 0.37
C ARG B 31 -9.69 3.27 1.21
N GLY B 32 -10.96 2.97 0.92
CA GLY B 32 -12.12 3.38 1.70
C GLY B 32 -12.65 2.16 2.48
N PRO B 33 -13.89 2.23 2.98
CA PRO B 33 -14.52 1.15 3.72
C PRO B 33 -15.03 0.06 2.74
N ARG B 34 -14.09 -0.63 2.10
CA ARG B 34 -14.35 -1.69 1.14
C ARG B 34 -14.72 -2.97 1.89
N GLY B 35 -15.88 -3.56 1.56
CA GLY B 35 -16.31 -4.82 2.14
C GLY B 35 -17.69 -5.20 1.59
N PRO B 36 -18.25 -6.34 2.03
CA PRO B 36 -19.56 -6.83 1.64
C PRO B 36 -20.53 -6.36 2.72
N ARG B 37 -20.40 -5.09 3.13
CA ARG B 37 -21.06 -4.57 4.29
C ARG B 37 -22.61 -4.59 4.19
N PRO B 38 -23.21 -4.25 3.05
CA PRO B 38 -24.66 -4.33 2.88
C PRO B 38 -25.18 -5.74 3.14
N GLN B 39 -26.12 -5.88 4.08
CA GLN B 39 -26.70 -7.15 4.46
C GLN B 39 -27.82 -7.52 3.48
N THR B 40 -27.44 -7.76 2.22
CA THR B 40 -28.36 -8.09 1.14
C THR B 40 -28.81 -9.54 1.27
N GLY B 1 26.35 -8.19 -2.65
CA GLY B 1 25.82 -7.04 -3.41
C GLY B 1 25.08 -6.05 -2.51
N GLU B 2 24.84 -4.84 -3.01
CA GLU B 2 24.19 -3.77 -2.28
C GLU B 2 22.69 -4.00 -2.21
N ARG B 3 22.23 -4.83 -1.27
CA ARG B 3 20.82 -5.02 -0.96
C ARG B 3 20.33 -3.87 -0.08
N ARG B 4 20.50 -2.63 -0.56
CA ARG B 4 20.06 -1.42 0.11
C ARG B 4 18.53 -1.36 0.03
N ARG B 5 18.00 -1.42 -1.20
CA ARG B 5 16.58 -1.62 -1.44
C ARG B 5 16.35 -3.13 -1.32
N SER B 6 16.24 -3.62 -0.09
CA SER B 6 16.09 -5.04 0.20
C SER B 6 14.67 -5.48 -0.18
N GLN B 7 13.75 -5.47 0.80
CA GLN B 7 12.32 -5.63 0.62
C GLN B 7 11.66 -4.87 1.77
N LEU B 8 10.39 -4.49 1.58
CA LEU B 8 9.58 -3.74 2.52
C LEU B 8 10.37 -2.60 3.18
N ASP B 9 11.08 -1.81 2.36
CA ASP B 9 12.01 -0.80 2.83
C ASP B 9 11.24 0.49 3.18
N ARG B 10 11.98 1.56 3.45
CA ARG B 10 11.44 2.89 3.75
C ARG B 10 10.61 3.37 2.56
N ASP B 11 11.24 3.43 1.39
CA ASP B 11 10.70 3.86 0.11
C ASP B 11 9.47 3.06 -0.36
N GLN B 12 9.54 1.72 -0.29
CA GLN B 12 8.55 0.84 -0.90
C GLN B 12 7.18 0.85 -0.22
N CYS B 13 6.13 0.49 -0.98
CA CYS B 13 4.82 0.23 -0.42
C CYS B 13 4.92 -1.00 0.49
N ALA B 14 4.53 -0.82 1.73
CA ALA B 14 4.58 -1.87 2.75
C ALA B 14 3.69 -3.06 2.41
N TYR B 15 2.54 -2.77 1.78
CA TYR B 15 1.44 -3.69 1.55
C TYR B 15 1.75 -4.65 0.42
N CYS B 16 2.18 -4.08 -0.71
CA CYS B 16 2.32 -4.77 -1.99
C CYS B 16 3.60 -4.39 -2.74
N LYS B 17 4.39 -3.43 -2.21
CA LYS B 17 5.70 -3.04 -2.73
C LYS B 17 5.73 -2.94 -4.26
N GLU B 18 4.81 -2.13 -4.79
CA GLU B 18 4.56 -1.96 -6.21
C GLU B 18 5.52 -0.94 -6.85
N LYS B 19 5.03 -0.19 -7.83
CA LYS B 19 5.80 0.68 -8.71
C LYS B 19 6.10 2.02 -8.06
N GLY B 20 5.06 2.84 -7.83
CA GLY B 20 5.22 4.23 -7.43
C GLY B 20 4.06 4.74 -6.57
N HIS B 21 3.82 4.07 -5.44
CA HIS B 21 2.93 4.54 -4.38
C HIS B 21 3.44 3.98 -3.05
N TRP B 22 2.70 4.20 -1.96
CA TRP B 22 3.10 3.78 -0.62
C TRP B 22 1.94 3.14 0.15
N ALA B 23 2.21 2.49 1.28
CA ALA B 23 1.16 1.81 2.04
C ALA B 23 0.01 2.76 2.40
N LYS B 24 0.34 4.02 2.68
CA LYS B 24 -0.62 5.09 2.88
C LYS B 24 -1.64 5.18 1.74
N ASP B 25 -1.10 5.20 0.51
CA ASP B 25 -1.81 5.47 -0.73
C ASP B 25 -2.21 4.20 -1.48
N CYS B 26 -1.98 3.02 -0.88
CA CYS B 26 -2.09 1.76 -1.59
C CYS B 26 -3.51 1.56 -2.17
N PRO B 27 -3.62 1.35 -3.49
CA PRO B 27 -4.88 1.14 -4.18
C PRO B 27 -5.40 -0.29 -4.04
N LYS B 28 -4.50 -1.26 -3.84
CA LYS B 28 -4.74 -2.67 -3.65
C LYS B 28 -5.36 -2.88 -2.27
N LYS B 29 -4.80 -2.19 -1.28
CA LYS B 29 -5.28 -2.10 0.10
C LYS B 29 -6.73 -1.62 0.10
N PRO B 30 -7.58 -2.10 1.03
CA PRO B 30 -8.97 -1.68 1.23
C PRO B 30 -9.25 -0.17 1.17
N ARG B 31 -8.25 0.67 1.49
CA ARG B 31 -8.31 2.13 1.46
C ARG B 31 -9.06 2.69 2.67
N GLY B 32 -10.31 2.25 2.88
CA GLY B 32 -11.18 2.72 3.94
C GLY B 32 -11.67 4.14 3.65
N PRO B 33 -12.45 4.35 2.58
CA PRO B 33 -12.94 5.67 2.18
C PRO B 33 -13.96 6.21 3.17
N ARG B 34 -14.89 5.36 3.63
CA ARG B 34 -15.84 5.64 4.70
C ARG B 34 -16.77 6.81 4.37
N GLY B 35 -17.86 6.54 3.65
CA GLY B 35 -18.89 7.52 3.35
C GLY B 35 -19.98 6.92 2.47
N PRO B 36 -21.07 7.66 2.21
CA PRO B 36 -22.19 7.27 1.38
C PRO B 36 -21.96 7.89 0.01
N ARG B 37 -20.75 7.65 -0.54
CA ARG B 37 -20.26 8.36 -1.70
C ARG B 37 -21.11 8.03 -2.94
N PRO B 38 -21.32 9.01 -3.85
CA PRO B 38 -21.91 8.76 -5.15
C PRO B 38 -20.93 7.96 -6.02
N GLN B 39 -19.64 8.27 -5.92
CA GLN B 39 -18.56 7.52 -6.56
C GLN B 39 -18.21 6.29 -5.73
N THR B 40 -17.24 5.50 -6.21
CA THR B 40 -16.74 4.31 -5.53
C THR B 40 -15.94 4.66 -4.27
N GLY B 1 21.84 -9.75 -3.79
CA GLY B 1 21.31 -9.37 -5.11
C GLY B 1 19.91 -8.77 -5.00
N GLU B 2 19.43 -8.16 -6.10
CA GLU B 2 18.11 -7.52 -6.14
C GLU B 2 17.00 -8.56 -6.00
N ARG B 3 15.84 -8.12 -5.50
CA ARG B 3 14.63 -8.90 -5.24
C ARG B 3 14.78 -9.75 -3.98
N ARG B 4 15.82 -10.58 -3.92
CA ARG B 4 16.20 -11.35 -2.74
C ARG B 4 16.88 -10.44 -1.71
N ARG B 5 16.08 -9.55 -1.12
CA ARG B 5 16.46 -8.56 -0.12
C ARG B 5 15.35 -8.46 0.92
N SER B 6 15.54 -7.59 1.91
CA SER B 6 14.48 -7.21 2.84
C SER B 6 13.43 -6.46 2.02
N GLN B 7 12.17 -6.92 2.06
CA GLN B 7 11.11 -6.41 1.22
C GLN B 7 10.68 -5.00 1.65
N LEU B 8 9.76 -4.42 0.87
CA LEU B 8 9.24 -3.06 0.95
C LEU B 8 10.28 -2.04 1.45
N ASP B 9 11.10 -1.54 0.51
CA ASP B 9 11.98 -0.42 0.79
C ASP B 9 11.16 0.86 1.06
N ARG B 10 11.88 1.97 1.21
CA ARG B 10 11.36 3.30 1.48
C ARG B 10 10.20 3.65 0.55
N ASP B 11 10.48 3.99 -0.72
CA ASP B 11 9.49 4.33 -1.74
C ASP B 11 8.53 3.21 -2.15
N GLN B 12 8.82 1.93 -1.83
CA GLN B 12 7.94 0.82 -2.21
C GLN B 12 6.63 0.81 -1.41
N CYS B 13 5.60 0.12 -1.96
CA CYS B 13 4.37 -0.16 -1.22
C CYS B 13 4.65 -1.27 -0.19
N ALA B 14 4.01 -1.14 0.97
CA ALA B 14 4.14 -2.06 2.08
C ALA B 14 3.14 -3.21 2.01
N TYR B 15 2.74 -3.60 0.80
CA TYR B 15 1.63 -4.52 0.57
C TYR B 15 1.87 -5.26 -0.75
N CYS B 16 2.06 -4.48 -1.81
CA CYS B 16 2.09 -4.94 -3.19
C CYS B 16 3.50 -4.87 -3.76
N LYS B 17 4.36 -4.07 -3.12
CA LYS B 17 5.76 -3.91 -3.49
C LYS B 17 5.82 -3.31 -4.90
N GLU B 18 4.91 -2.37 -5.15
CA GLU B 18 4.60 -1.81 -6.45
C GLU B 18 5.71 -0.91 -6.99
N LYS B 19 5.51 -0.55 -8.27
CA LYS B 19 6.21 0.44 -9.07
C LYS B 19 6.83 1.56 -8.24
N GLY B 20 5.99 2.20 -7.43
CA GLY B 20 6.36 3.26 -6.52
C GLY B 20 5.17 3.90 -5.83
N HIS B 21 4.01 3.22 -5.76
CA HIS B 21 2.92 3.71 -4.92
C HIS B 21 3.21 3.25 -3.49
N TRP B 22 2.46 3.78 -2.52
CA TRP B 22 2.69 3.53 -1.11
C TRP B 22 1.54 2.79 -0.44
N ALA B 23 1.74 2.35 0.80
CA ALA B 23 0.72 1.68 1.60
C ALA B 23 -0.35 2.71 1.94
N LYS B 24 0.15 3.92 2.19
CA LYS B 24 -0.57 5.17 2.33
C LYS B 24 -1.58 5.37 1.19
N ASP B 25 -1.10 5.20 -0.04
CA ASP B 25 -1.79 5.49 -1.30
C ASP B 25 -2.63 4.32 -1.82
N CYS B 26 -2.13 3.11 -1.55
CA CYS B 26 -2.51 1.81 -2.07
C CYS B 26 -3.96 1.70 -2.55
N PRO B 27 -4.19 1.70 -3.87
CA PRO B 27 -5.48 1.44 -4.49
C PRO B 27 -5.69 -0.07 -4.70
N LYS B 28 -4.62 -0.87 -4.61
CA LYS B 28 -4.62 -2.31 -4.60
C LYS B 28 -5.30 -2.81 -3.32
N LYS B 29 -5.09 -2.08 -2.22
CA LYS B 29 -5.80 -2.22 -0.96
C LYS B 29 -7.23 -1.70 -1.20
N PRO B 30 -8.25 -2.30 -0.56
CA PRO B 30 -9.65 -1.93 -0.79
C PRO B 30 -9.98 -0.58 -0.16
N ARG B 31 -9.35 -0.25 0.98
CA ARG B 31 -9.43 1.01 1.71
C ARG B 31 -10.74 1.12 2.49
N GLY B 32 -11.88 1.04 1.79
CA GLY B 32 -13.19 1.18 2.40
C GLY B 32 -13.43 2.63 2.84
N PRO B 33 -13.53 3.59 1.90
CA PRO B 33 -13.71 5.00 2.22
C PRO B 33 -15.07 5.26 2.86
N ARG B 34 -16.13 4.60 2.35
CA ARG B 34 -17.47 4.70 2.87
C ARG B 34 -18.22 3.41 2.54
N GLY B 35 -18.37 2.53 3.54
CA GLY B 35 -19.08 1.28 3.41
C GLY B 35 -19.55 0.80 4.78
N PRO B 36 -20.58 1.42 5.36
CA PRO B 36 -21.12 1.08 6.67
C PRO B 36 -22.14 -0.03 6.47
N ARG B 37 -21.69 -1.13 5.86
CA ARG B 37 -22.60 -2.18 5.40
C ARG B 37 -23.44 -2.80 6.51
N PRO B 38 -22.89 -3.11 7.71
CA PRO B 38 -23.66 -3.65 8.82
C PRO B 38 -24.82 -2.73 9.20
N GLN B 39 -26.05 -3.19 8.94
CA GLN B 39 -27.28 -2.44 9.15
C GLN B 39 -27.23 -1.09 8.44
N THR B 40 -26.95 -1.12 7.12
CA THR B 40 -26.97 0.06 6.27
C THR B 40 -28.41 0.55 6.06
N GLY B 1 17.85 -11.71 -0.88
CA GLY B 1 17.97 -10.81 -2.05
C GLY B 1 16.75 -10.90 -2.95
N GLU B 2 16.72 -10.08 -4.01
CA GLU B 2 15.62 -10.00 -4.97
C GLU B 2 16.18 -9.47 -6.29
N ARG B 3 15.79 -10.08 -7.40
CA ARG B 3 16.27 -9.73 -8.75
C ARG B 3 15.49 -8.54 -9.30
N ARG B 4 15.51 -7.42 -8.56
CA ARG B 4 14.83 -6.18 -8.89
C ARG B 4 15.33 -5.12 -7.90
N ARG B 5 14.92 -5.25 -6.64
CA ARG B 5 15.19 -4.34 -5.54
C ARG B 5 14.66 -4.99 -4.27
N SER B 6 15.33 -4.76 -3.13
CA SER B 6 14.85 -5.21 -1.83
C SER B 6 13.48 -4.61 -1.53
N GLN B 7 12.44 -5.45 -1.54
CA GLN B 7 11.06 -5.00 -1.40
C GLN B 7 10.75 -4.47 0.01
N LEU B 8 9.55 -3.91 0.14
CA LEU B 8 8.99 -3.41 1.38
C LEU B 8 9.87 -2.31 2.00
N ASP B 9 10.43 -1.45 1.15
CA ASP B 9 11.31 -0.35 1.53
C ASP B 9 10.48 0.82 2.07
N ARG B 10 11.14 1.95 2.36
CA ARG B 10 10.48 3.21 2.67
C ARG B 10 10.04 3.90 1.38
N ASP B 11 10.69 3.59 0.27
CA ASP B 11 10.33 4.05 -1.06
C ASP B 11 9.00 3.43 -1.50
N GLN B 12 8.96 2.10 -1.64
CA GLN B 12 7.85 1.36 -2.25
C GLN B 12 6.87 0.77 -1.22
N CYS B 13 5.72 0.34 -1.72
CA CYS B 13 4.56 -0.11 -0.96
C CYS B 13 4.86 -1.29 -0.02
N ALA B 14 3.99 -1.43 0.98
CA ALA B 14 4.05 -2.43 2.04
C ALA B 14 3.10 -3.58 1.78
N TYR B 15 1.91 -3.25 1.25
CA TYR B 15 0.80 -4.16 1.06
C TYR B 15 1.04 -5.08 -0.13
N CYS B 16 1.33 -4.46 -1.27
CA CYS B 16 1.42 -5.06 -2.58
C CYS B 16 2.78 -4.81 -3.22
N LYS B 17 3.55 -3.83 -2.72
CA LYS B 17 4.94 -3.64 -3.11
C LYS B 17 5.08 -3.19 -4.58
N GLU B 18 4.16 -2.32 -5.02
CA GLU B 18 4.13 -1.83 -6.40
C GLU B 18 5.26 -0.84 -6.70
N LYS B 19 5.38 -0.55 -8.00
CA LYS B 19 6.23 0.43 -8.68
C LYS B 19 6.86 1.49 -7.78
N GLY B 20 6.02 2.35 -7.22
CA GLY B 20 6.46 3.56 -6.53
C GLY B 20 5.39 4.20 -5.65
N HIS B 21 4.13 3.74 -5.68
CA HIS B 21 3.18 4.21 -4.67
C HIS B 21 3.52 3.57 -3.33
N TRP B 22 2.79 3.94 -2.27
CA TRP B 22 3.02 3.43 -0.93
C TRP B 22 1.77 2.76 -0.36
N ALA B 23 1.90 2.13 0.81
CA ALA B 23 0.80 1.47 1.50
C ALA B 23 -0.21 2.53 1.89
N LYS B 24 0.31 3.73 2.18
CA LYS B 24 -0.38 4.97 2.38
C LYS B 24 -1.44 5.21 1.29
N ASP B 25 -1.05 4.98 0.04
CA ASP B 25 -1.77 5.32 -1.18
C ASP B 25 -2.47 4.13 -1.84
N CYS B 26 -1.99 2.91 -1.51
CA CYS B 26 -2.28 1.67 -2.19
C CYS B 26 -3.74 1.51 -2.68
N PRO B 27 -3.95 1.32 -3.99
CA PRO B 27 -5.23 1.10 -4.61
C PRO B 27 -5.71 -0.36 -4.48
N LYS B 28 -4.78 -1.31 -4.39
CA LYS B 28 -5.05 -2.73 -4.18
C LYS B 28 -5.70 -2.95 -2.81
N LYS B 29 -5.25 -2.15 -1.84
CA LYS B 29 -5.66 -2.15 -0.44
C LYS B 29 -7.18 -2.06 -0.31
N PRO B 30 -7.77 -2.65 0.74
CA PRO B 30 -9.17 -2.48 1.10
C PRO B 30 -9.63 -1.02 1.15
N ARG B 31 -8.75 -0.11 1.59
CA ARG B 31 -8.97 1.33 1.75
C ARG B 31 -9.82 1.65 2.98
N GLY B 32 -11.01 1.05 3.06
CA GLY B 32 -12.00 1.31 4.08
C GLY B 32 -12.74 2.63 3.79
N PRO B 33 -13.67 2.64 2.82
CA PRO B 33 -14.43 3.83 2.45
C PRO B 33 -15.14 4.48 3.63
N ARG B 34 -15.88 3.67 4.40
CA ARG B 34 -16.65 4.04 5.58
C ARG B 34 -17.82 4.97 5.24
N GLY B 35 -17.51 6.24 4.94
CA GLY B 35 -18.45 7.34 4.79
C GLY B 35 -18.02 8.46 5.75
N PRO B 36 -18.85 9.49 5.94
CA PRO B 36 -18.57 10.61 6.83
C PRO B 36 -19.07 10.22 8.22
N ARG B 37 -18.70 9.02 8.68
CA ARG B 37 -19.28 8.45 9.87
C ARG B 37 -18.71 9.11 11.13
N PRO B 38 -19.54 9.37 12.16
CA PRO B 38 -19.06 9.79 13.46
C PRO B 38 -18.37 8.60 14.15
N GLN B 39 -18.97 7.41 14.05
CA GLN B 39 -18.40 6.14 14.49
C GLN B 39 -17.36 5.64 13.49
N THR B 40 -16.82 4.43 13.74
CA THR B 40 -15.94 3.74 12.82
C THR B 40 -16.72 3.29 11.57
N GLY B 1 9.46 6.11 9.47
CA GLY B 1 10.08 4.94 8.83
C GLY B 1 11.58 4.88 9.08
N GLU B 2 12.12 3.68 9.32
CA GLU B 2 13.50 3.50 9.79
C GLU B 2 14.49 3.55 8.63
N ARG B 3 14.86 4.76 8.21
CA ARG B 3 15.94 5.04 7.28
C ARG B 3 15.73 4.31 5.94
N ARG B 4 16.80 4.05 5.18
CA ARG B 4 16.76 3.18 4.01
C ARG B 4 16.36 1.79 4.50
N ARG B 5 15.30 1.24 3.91
CA ARG B 5 14.68 -0.02 4.31
C ARG B 5 14.09 0.10 5.72
N SER B 6 12.82 0.56 5.80
CA SER B 6 12.10 0.68 7.05
C SER B 6 11.84 -0.71 7.65
N GLN B 7 11.31 -1.62 6.83
CA GLN B 7 11.19 -3.03 7.18
C GLN B 7 11.22 -3.86 5.90
N LEU B 8 10.07 -3.98 5.23
CA LEU B 8 9.94 -4.55 3.90
C LEU B 8 10.16 -3.43 2.87
N ASP B 9 11.38 -2.86 2.93
CA ASP B 9 11.81 -1.65 2.25
C ASP B 9 11.24 -0.41 2.97
N ARG B 10 11.38 0.75 2.33
CA ARG B 10 10.98 2.08 2.80
C ARG B 10 10.11 2.69 1.72
N ASP B 11 10.72 2.87 0.53
CA ASP B 11 10.17 3.52 -0.64
C ASP B 11 9.04 2.72 -1.28
N GLN B 12 9.15 1.38 -1.32
CA GLN B 12 8.11 0.53 -1.90
C GLN B 12 6.82 0.59 -1.07
N CYS B 13 5.70 0.30 -1.73
CA CYS B 13 4.42 0.11 -1.07
C CYS B 13 4.53 -1.00 -0.03
N ALA B 14 4.20 -0.73 1.23
CA ALA B 14 4.29 -1.73 2.29
C ALA B 14 3.40 -2.94 2.05
N TYR B 15 2.28 -2.73 1.35
CA TYR B 15 1.20 -3.68 1.20
C TYR B 15 1.50 -4.69 0.09
N CYS B 16 1.80 -4.16 -1.10
CA CYS B 16 1.92 -4.89 -2.36
C CYS B 16 3.27 -4.65 -3.03
N LYS B 17 3.99 -3.58 -2.64
CA LYS B 17 5.35 -3.32 -3.08
C LYS B 17 5.43 -2.94 -4.55
N GLU B 18 4.43 -2.17 -5.02
CA GLU B 18 4.47 -1.52 -6.31
C GLU B 18 5.36 -0.27 -6.18
N LYS B 19 5.80 0.26 -7.32
CA LYS B 19 6.80 1.29 -7.44
C LYS B 19 6.21 2.69 -7.25
N GLY B 20 5.16 2.98 -8.01
CA GLY B 20 4.57 4.29 -8.15
C GLY B 20 3.93 4.81 -6.87
N HIS B 21 3.08 4.00 -6.25
CA HIS B 21 2.30 4.41 -5.09
C HIS B 21 2.93 3.86 -3.81
N TRP B 22 2.22 4.01 -2.68
CA TRP B 22 2.67 3.58 -1.36
C TRP B 22 1.53 2.86 -0.63
N ALA B 23 1.82 2.23 0.54
CA ALA B 23 0.77 1.56 1.31
C ALA B 23 -0.24 2.56 1.83
N LYS B 24 0.19 3.83 1.89
CA LYS B 24 -0.61 4.95 2.23
C LYS B 24 -1.75 5.15 1.21
N ASP B 25 -1.45 4.84 -0.06
CA ASP B 25 -2.25 5.11 -1.25
C ASP B 25 -2.59 3.83 -2.05
N CYS B 26 -2.43 2.63 -1.48
CA CYS B 26 -2.52 1.40 -2.26
C CYS B 26 -3.94 1.18 -2.80
N PRO B 27 -4.10 0.87 -4.09
CA PRO B 27 -5.39 0.59 -4.72
C PRO B 27 -5.84 -0.83 -4.40
N LYS B 28 -4.90 -1.71 -4.03
CA LYS B 28 -5.17 -3.08 -3.60
C LYS B 28 -5.88 -3.09 -2.24
N LYS B 29 -5.57 -2.11 -1.39
CA LYS B 29 -5.97 -2.05 -0.01
C LYS B 29 -7.49 -1.87 0.10
N PRO B 30 -8.11 -2.37 1.19
CA PRO B 30 -9.49 -2.08 1.55
C PRO B 30 -9.82 -0.59 1.39
N ARG B 31 -10.88 -0.30 0.63
CA ARG B 31 -11.22 1.05 0.20
C ARG B 31 -12.70 1.12 -0.16
N GLY B 32 -13.28 2.33 -0.09
CA GLY B 32 -14.69 2.55 -0.35
C GLY B 32 -15.07 4.01 -0.10
N PRO B 33 -16.35 4.37 -0.30
CA PRO B 33 -16.84 5.72 -0.09
C PRO B 33 -16.86 6.05 1.40
N ARG B 34 -16.66 7.32 1.75
CA ARG B 34 -16.62 7.80 3.12
C ARG B 34 -18.06 7.97 3.61
N GLY B 35 -18.69 6.85 3.98
CA GLY B 35 -20.08 6.75 4.36
C GLY B 35 -20.91 6.17 3.20
N PRO B 36 -22.22 5.94 3.42
CA PRO B 36 -23.13 5.37 2.45
C PRO B 36 -23.67 6.54 1.61
N ARG B 37 -22.76 7.30 1.02
CA ARG B 37 -23.12 8.57 0.41
C ARG B 37 -23.93 8.35 -0.88
N PRO B 38 -24.96 9.16 -1.14
CA PRO B 38 -25.77 9.04 -2.33
C PRO B 38 -25.00 9.53 -3.56
N GLN B 39 -25.41 9.05 -4.74
CA GLN B 39 -24.80 9.41 -6.02
C GLN B 39 -25.86 9.25 -7.11
N THR B 40 -26.75 10.25 -7.22
CA THR B 40 -27.86 10.28 -8.17
C THR B 40 -28.35 11.72 -8.31
N GLY B 1 14.02 -1.85 3.68
CA GLY B 1 13.34 -2.36 4.88
C GLY B 1 13.62 -1.46 6.08
N GLU B 2 14.84 -1.55 6.59
CA GLU B 2 15.43 -0.68 7.59
C GLU B 2 15.15 0.80 7.30
N ARG B 3 15.47 1.24 6.08
CA ARG B 3 15.26 2.58 5.58
C ARG B 3 15.53 2.60 4.07
N ARG B 4 16.59 1.92 3.62
CA ARG B 4 16.85 1.65 2.22
C ARG B 4 17.87 0.51 2.08
N ARG B 5 17.66 -0.32 1.05
CA ARG B 5 18.51 -1.44 0.63
C ARG B 5 18.11 -2.75 1.31
N SER B 6 16.80 -3.04 1.26
CA SER B 6 16.17 -4.30 1.63
C SER B 6 14.69 -4.19 1.23
N GLN B 7 13.99 -5.33 1.12
CA GLN B 7 12.59 -5.36 0.70
C GLN B 7 11.66 -4.68 1.71
N LEU B 8 10.39 -4.50 1.30
CA LEU B 8 9.32 -3.88 2.07
C LEU B 8 9.78 -2.58 2.71
N ASP B 9 10.34 -1.70 1.88
CA ASP B 9 11.08 -0.51 2.28
C ASP B 9 10.22 0.71 2.56
N ARG B 10 10.86 1.68 3.24
CA ARG B 10 10.42 3.04 3.50
C ARG B 10 10.64 3.84 2.21
N ASP B 11 9.78 3.52 1.24
CA ASP B 11 9.83 3.89 -0.16
C ASP B 11 8.61 3.29 -0.87
N GLN B 12 8.45 1.96 -0.77
CA GLN B 12 7.51 1.14 -1.52
C GLN B 12 6.28 0.74 -0.69
N CYS B 13 5.28 0.20 -1.39
CA CYS B 13 4.06 -0.34 -0.80
C CYS B 13 4.36 -1.52 0.12
N ALA B 14 3.52 -1.68 1.15
CA ALA B 14 3.68 -2.68 2.20
C ALA B 14 2.76 -3.88 2.05
N TYR B 15 1.82 -3.83 1.10
CA TYR B 15 0.72 -4.76 0.94
C TYR B 15 0.99 -5.60 -0.29
N CYS B 16 1.27 -4.89 -1.38
CA CYS B 16 1.37 -5.40 -2.73
C CYS B 16 2.75 -5.09 -3.35
N LYS B 17 3.50 -4.15 -2.74
CA LYS B 17 4.88 -3.82 -3.09
C LYS B 17 4.97 -3.36 -4.56
N GLU B 18 4.02 -2.50 -4.97
CA GLU B 18 3.89 -1.98 -6.32
C GLU B 18 5.00 -1.01 -6.71
N LYS B 19 4.95 -0.62 -7.99
CA LYS B 19 5.88 0.26 -8.69
C LYS B 19 6.17 1.56 -7.92
N GLY B 20 5.15 2.39 -7.68
CA GLY B 20 5.35 3.74 -7.16
C GLY B 20 4.15 4.28 -6.38
N HIS B 21 3.76 3.57 -5.32
CA HIS B 21 2.81 4.04 -4.33
C HIS B 21 3.17 3.40 -2.98
N TRP B 22 2.38 3.67 -1.95
CA TRP B 22 2.62 3.24 -0.58
C TRP B 22 1.43 2.47 -0.02
N ALA B 23 1.56 1.89 1.18
CA ALA B 23 0.49 1.16 1.86
C ALA B 23 -0.61 2.16 2.18
N LYS B 24 -0.16 3.34 2.59
CA LYS B 24 -0.89 4.56 2.77
C LYS B 24 -1.85 4.85 1.61
N ASP B 25 -1.44 4.50 0.39
CA ASP B 25 -2.09 4.86 -0.87
C ASP B 25 -2.49 3.64 -1.71
N CYS B 26 -2.40 2.41 -1.17
CA CYS B 26 -2.55 1.21 -2.00
C CYS B 26 -3.98 1.06 -2.52
N PRO B 27 -4.17 0.87 -3.84
CA PRO B 27 -5.46 0.73 -4.48
C PRO B 27 -6.01 -0.69 -4.30
N LYS B 28 -5.12 -1.67 -4.11
CA LYS B 28 -5.51 -3.05 -3.82
C LYS B 28 -6.09 -3.14 -2.41
N LYS B 29 -5.51 -2.39 -1.48
CA LYS B 29 -6.01 -2.25 -0.13
C LYS B 29 -7.37 -1.54 -0.19
N PRO B 30 -8.40 -2.01 0.54
CA PRO B 30 -9.73 -1.43 0.49
C PRO B 30 -9.77 -0.06 1.19
N ARG B 31 -9.47 0.99 0.43
CA ARG B 31 -9.57 2.38 0.86
C ARG B 31 -11.04 2.82 0.82
N GLY B 32 -11.86 2.25 1.71
CA GLY B 32 -13.28 2.53 1.80
C GLY B 32 -13.55 3.84 2.55
N PRO B 33 -14.83 4.18 2.75
CA PRO B 33 -15.25 5.37 3.49
C PRO B 33 -14.89 5.20 4.97
N ARG B 34 -13.87 5.94 5.42
CA ARG B 34 -13.30 5.92 6.76
C ARG B 34 -12.53 4.62 7.02
N GLY B 35 -13.27 3.51 7.19
CA GLY B 35 -12.71 2.17 7.30
C GLY B 35 -12.69 1.49 5.93
N PRO B 36 -12.61 0.16 5.87
CA PRO B 36 -12.76 -0.61 4.65
C PRO B 36 -14.22 -1.03 4.57
N ARG B 37 -15.12 -0.09 4.91
CA ARG B 37 -16.51 -0.37 5.14
C ARG B 37 -17.23 -0.64 3.81
N PRO B 38 -18.02 -1.72 3.70
CA PRO B 38 -18.79 -2.01 2.50
C PRO B 38 -19.90 -0.98 2.32
N GLN B 39 -20.62 -0.67 3.40
CA GLN B 39 -21.71 0.31 3.44
C GLN B 39 -22.79 -0.03 2.40
N THR B 40 -23.20 -1.30 2.37
CA THR B 40 -24.24 -1.82 1.49
C THR B 40 -24.70 -3.17 2.05
N GLY B 1 16.43 -12.75 16.24
CA GLY B 1 16.68 -12.13 14.93
C GLY B 1 17.24 -13.14 13.92
N GLU B 2 17.36 -12.71 12.65
CA GLU B 2 17.86 -13.54 11.56
C GLU B 2 18.42 -12.61 10.48
N ARG B 3 19.45 -13.08 9.75
CA ARG B 3 20.01 -12.39 8.60
C ARG B 3 19.07 -12.54 7.41
N ARG B 4 17.92 -11.86 7.48
CA ARG B 4 16.80 -12.04 6.58
C ARG B 4 15.99 -10.74 6.51
N ARG B 5 16.46 -9.80 5.67
CA ARG B 5 15.84 -8.51 5.47
C ARG B 5 16.26 -7.96 4.11
N SER B 6 15.29 -7.47 3.33
CA SER B 6 15.52 -6.85 2.04
C SER B 6 14.32 -5.98 1.67
N GLN B 7 13.16 -6.62 1.46
CA GLN B 7 11.94 -5.97 1.00
C GLN B 7 11.15 -5.37 2.17
N LEU B 8 10.03 -4.74 1.85
CA LEU B 8 9.03 -4.18 2.75
C LEU B 8 9.62 -3.09 3.66
N ASP B 9 9.99 -1.96 3.05
CA ASP B 9 10.52 -0.78 3.73
C ASP B 9 9.80 0.47 3.20
N ARG B 10 10.45 1.64 3.27
CA ARG B 10 9.90 2.89 2.78
C ARG B 10 9.87 2.90 1.25
N ASP B 11 10.90 2.32 0.63
CA ASP B 11 11.15 2.28 -0.80
C ASP B 11 9.92 1.83 -1.60
N GLN B 12 9.14 0.90 -1.04
CA GLN B 12 8.04 0.23 -1.73
C GLN B 12 6.76 0.27 -0.91
N CYS B 13 5.63 -0.01 -1.57
CA CYS B 13 4.34 -0.23 -0.92
C CYS B 13 4.45 -1.37 0.08
N ALA B 14 3.92 -1.17 1.30
CA ALA B 14 3.94 -2.18 2.34
C ALA B 14 3.01 -3.35 2.05
N TYR B 15 1.97 -3.12 1.24
CA TYR B 15 0.89 -4.04 0.98
C TYR B 15 1.21 -4.99 -0.16
N CYS B 16 1.47 -4.41 -1.34
CA CYS B 16 1.58 -5.07 -2.63
C CYS B 16 2.95 -4.88 -3.27
N LYS B 17 3.77 -3.95 -2.75
CA LYS B 17 5.18 -3.81 -3.10
C LYS B 17 5.40 -3.01 -4.39
N GLU B 18 4.35 -2.34 -4.87
CA GLU B 18 4.41 -1.43 -6.00
C GLU B 18 5.11 -0.13 -5.58
N LYS B 19 5.87 0.46 -6.51
CA LYS B 19 6.69 1.64 -6.28
C LYS B 19 5.90 2.90 -6.63
N GLY B 20 5.08 2.81 -7.69
CA GLY B 20 4.23 3.89 -8.20
C GLY B 20 3.37 4.56 -7.11
N HIS B 21 3.06 3.83 -6.04
CA HIS B 21 2.36 4.36 -4.88
C HIS B 21 2.97 3.76 -3.59
N TRP B 22 2.24 3.86 -2.48
CA TRP B 22 2.63 3.32 -1.18
C TRP B 22 1.42 2.66 -0.51
N ALA B 23 1.60 1.99 0.63
CA ALA B 23 0.51 1.30 1.33
C ALA B 23 -0.51 2.31 1.82
N LYS B 24 -0.01 3.52 2.07
CA LYS B 24 -0.73 4.73 2.33
C LYS B 24 -1.84 4.96 1.29
N ASP B 25 -1.52 4.68 0.02
CA ASP B 25 -2.30 5.01 -1.17
C ASP B 25 -2.64 3.76 -2.01
N CYS B 26 -2.53 2.55 -1.45
CA CYS B 26 -2.62 1.33 -2.24
C CYS B 26 -4.06 1.02 -2.68
N PRO B 27 -4.31 0.82 -3.98
CA PRO B 27 -5.62 0.50 -4.51
C PRO B 27 -5.98 -0.96 -4.24
N LYS B 28 -4.96 -1.81 -4.05
CA LYS B 28 -5.15 -3.20 -3.65
C LYS B 28 -5.73 -3.25 -2.23
N LYS B 29 -5.25 -2.34 -1.37
CA LYS B 29 -5.66 -2.21 0.00
C LYS B 29 -7.08 -1.63 0.08
N PRO B 30 -7.92 -2.15 0.98
CA PRO B 30 -9.21 -1.57 1.33
C PRO B 30 -9.04 -0.11 1.75
N ARG B 31 -9.54 0.82 0.92
CA ARG B 31 -9.54 2.25 1.18
C ARG B 31 -8.14 2.75 1.51
N GLY B 32 -7.17 2.50 0.62
CA GLY B 32 -5.85 3.10 0.67
C GLY B 32 -5.94 4.56 0.26
N PRO B 33 -6.18 4.85 -1.04
CA PRO B 33 -6.36 6.21 -1.52
C PRO B 33 -7.68 6.74 -0.97
N ARG B 34 -7.58 7.73 -0.06
CA ARG B 34 -8.66 8.26 0.75
C ARG B 34 -9.17 7.20 1.74
N GLY B 35 -8.83 7.39 3.02
CA GLY B 35 -9.31 6.59 4.13
C GLY B 35 -10.82 6.77 4.36
N PRO B 36 -11.41 6.01 5.32
CA PRO B 36 -12.78 6.06 5.78
C PRO B 36 -13.75 6.50 4.70
N ARG B 37 -13.59 5.68 3.65
CA ARG B 37 -14.03 5.68 2.29
C ARG B 37 -14.26 7.02 1.58
N PRO B 38 -13.92 7.10 0.29
CA PRO B 38 -14.26 8.22 -0.58
C PRO B 38 -15.74 8.13 -0.98
N GLN B 39 -16.12 8.77 -2.09
CA GLN B 39 -17.47 8.75 -2.66
C GLN B 39 -18.01 7.33 -2.81
N THR B 40 -17.15 6.39 -3.22
CA THR B 40 -17.47 4.97 -3.35
C THR B 40 -16.91 4.21 -2.14
N GLY B 1 3.99 -14.46 -5.59
CA GLY B 1 5.09 -13.96 -6.43
C GLY B 1 5.73 -12.70 -5.87
N GLU B 2 6.74 -12.16 -6.57
CA GLU B 2 7.45 -10.96 -6.19
C GLU B 2 8.03 -10.31 -7.44
N ARG B 3 9.01 -10.99 -8.07
CA ARG B 3 9.70 -10.54 -9.28
C ARG B 3 10.21 -9.10 -9.14
N ARG B 4 10.79 -8.78 -7.98
CA ARG B 4 11.19 -7.44 -7.61
C ARG B 4 12.10 -7.56 -6.38
N ARG B 5 11.61 -7.24 -5.17
CA ARG B 5 12.34 -7.32 -3.92
C ARG B 5 11.36 -7.63 -2.79
N SER B 6 11.62 -8.72 -2.04
CA SER B 6 10.84 -9.13 -0.88
C SER B 6 10.73 -8.00 0.17
N GLN B 7 11.77 -7.18 0.29
CA GLN B 7 11.87 -6.07 1.21
C GLN B 7 10.74 -5.04 1.00
N LEU B 8 10.62 -4.12 1.96
CA LEU B 8 9.73 -2.96 1.93
C LEU B 8 10.35 -1.87 2.80
N ASP B 9 11.57 -1.51 2.43
CA ASP B 9 12.50 -0.67 3.19
C ASP B 9 11.89 0.66 3.63
N ARG B 10 11.95 1.68 2.76
CA ARG B 10 11.63 3.05 3.09
C ARG B 10 10.95 3.68 1.88
N ASP B 11 11.65 3.70 0.73
CA ASP B 11 11.22 4.22 -0.56
C ASP B 11 9.92 3.62 -1.08
N GLN B 12 9.90 2.28 -1.23
CA GLN B 12 8.83 1.57 -1.93
C GLN B 12 7.63 1.25 -1.04
N CYS B 13 6.50 0.87 -1.67
CA CYS B 13 5.27 0.44 -1.00
C CYS B 13 5.55 -0.72 -0.04
N ALA B 14 4.62 -0.93 0.89
CA ALA B 14 4.71 -1.96 1.92
C ALA B 14 3.69 -3.07 1.67
N TYR B 15 2.48 -2.69 1.27
CA TYR B 15 1.35 -3.58 1.06
C TYR B 15 1.62 -4.55 -0.09
N CYS B 16 2.16 -4.00 -1.17
CA CYS B 16 2.37 -4.67 -2.45
C CYS B 16 3.73 -4.34 -3.07
N LYS B 17 4.41 -3.31 -2.55
CA LYS B 17 5.76 -2.93 -2.93
C LYS B 17 5.91 -2.56 -4.41
N GLU B 18 4.86 -1.98 -5.00
CA GLU B 18 4.83 -1.67 -6.43
C GLU B 18 5.74 -0.52 -6.85
N LYS B 19 5.73 -0.33 -8.17
CA LYS B 19 6.31 0.69 -9.01
C LYS B 19 6.64 2.02 -8.33
N GLY B 20 5.64 2.90 -8.17
CA GLY B 20 5.88 4.27 -7.75
C GLY B 20 4.76 4.88 -6.91
N HIS B 21 4.35 4.14 -5.88
CA HIS B 21 3.48 4.65 -4.82
C HIS B 21 3.97 4.08 -3.49
N TRP B 22 3.20 4.30 -2.42
CA TRP B 22 3.55 3.92 -1.06
C TRP B 22 2.38 3.21 -0.38
N ALA B 23 2.62 2.61 0.81
CA ALA B 23 1.57 1.91 1.54
C ALA B 23 0.50 2.93 1.94
N LYS B 24 0.98 4.09 2.37
CA LYS B 24 0.24 5.33 2.61
C LYS B 24 -0.67 5.70 1.42
N ASP B 25 -0.34 5.25 0.21
CA ASP B 25 -1.00 5.62 -1.03
C ASP B 25 -1.40 4.39 -1.86
N CYS B 26 -1.53 3.19 -1.25
CA CYS B 26 -1.68 1.98 -2.04
C CYS B 26 -3.12 1.85 -2.55
N PRO B 27 -3.33 1.73 -3.87
CA PRO B 27 -4.65 1.61 -4.49
C PRO B 27 -5.23 0.20 -4.32
N LYS B 28 -4.36 -0.81 -4.18
CA LYS B 28 -4.75 -2.21 -4.02
C LYS B 28 -5.41 -2.45 -2.66
N LYS B 29 -4.99 -1.69 -1.65
CA LYS B 29 -5.46 -1.81 -0.28
C LYS B 29 -6.99 -1.76 -0.24
N PRO B 30 -7.67 -2.70 0.46
CA PRO B 30 -9.12 -2.75 0.52
C PRO B 30 -9.65 -1.47 1.17
N ARG B 31 -10.45 -0.71 0.42
CA ARG B 31 -10.88 0.64 0.75
C ARG B 31 -9.64 1.50 1.06
N GLY B 32 -8.82 1.70 0.03
CA GLY B 32 -7.55 2.39 0.16
C GLY B 32 -7.73 3.85 0.57
N PRO B 33 -6.66 4.48 1.08
CA PRO B 33 -6.66 5.88 1.51
C PRO B 33 -7.05 6.79 0.34
N ARG B 34 -6.34 6.66 -0.79
CA ARG B 34 -6.70 7.32 -2.03
C ARG B 34 -7.93 6.67 -2.65
N GLY B 35 -8.56 7.38 -3.60
CA GLY B 35 -9.71 6.91 -4.36
C GLY B 35 -10.89 7.89 -4.21
N PRO B 36 -12.00 7.61 -4.90
CA PRO B 36 -13.19 8.46 -4.91
C PRO B 36 -14.05 8.03 -3.73
N ARG B 37 -13.52 8.23 -2.52
CA ARG B 37 -14.08 7.70 -1.29
C ARG B 37 -15.60 7.89 -1.13
N PRO B 38 -16.16 9.10 -1.34
CA PRO B 38 -17.61 9.28 -1.31
C PRO B 38 -18.23 8.74 -2.61
N GLN B 39 -18.34 7.40 -2.70
CA GLN B 39 -18.95 6.67 -3.80
C GLN B 39 -20.08 5.79 -3.26
N THR B 40 -20.88 6.35 -2.34
CA THR B 40 -21.99 5.68 -1.68
C THR B 40 -22.88 6.73 -1.01
N GLY B 1 21.09 -14.97 2.39
CA GLY B 1 21.97 -14.32 3.39
C GLY B 1 22.50 -12.97 2.91
N GLU B 2 21.66 -12.18 2.21
CA GLU B 2 22.06 -10.92 1.60
C GLU B 2 21.84 -9.78 2.60
N ARG B 3 20.58 -9.38 2.79
CA ARG B 3 20.19 -8.30 3.70
C ARG B 3 18.67 -8.35 3.89
N ARG B 4 17.94 -8.12 2.80
CA ARG B 4 16.49 -8.01 2.79
C ARG B 4 15.96 -8.11 1.34
N ARG B 5 16.67 -7.47 0.40
CA ARG B 5 16.24 -7.31 -0.99
C ARG B 5 15.14 -6.26 -1.08
N SER B 6 14.61 -6.04 -2.29
CA SER B 6 13.52 -5.13 -2.56
C SER B 6 12.18 -5.75 -2.11
N GLN B 7 12.07 -6.01 -0.80
CA GLN B 7 10.88 -6.56 -0.17
C GLN B 7 9.86 -5.45 -0.03
N LEU B 8 10.09 -4.56 0.95
CA LEU B 8 9.34 -3.32 1.12
C LEU B 8 10.24 -2.33 1.86
N ASP B 9 10.80 -1.39 1.10
CA ASP B 9 11.65 -0.32 1.59
C ASP B 9 10.80 0.89 2.02
N ARG B 10 11.46 2.03 2.20
CA ARG B 10 10.85 3.34 2.42
C ARG B 10 10.39 3.92 1.09
N ASP B 11 11.09 3.59 0.01
CA ASP B 11 10.71 3.93 -1.36
C ASP B 11 9.37 3.32 -1.77
N GLN B 12 9.30 1.97 -1.81
CA GLN B 12 8.18 1.23 -2.40
C GLN B 12 7.10 0.87 -1.39
N CYS B 13 5.95 0.42 -1.93
CA CYS B 13 4.78 -0.04 -1.22
C CYS B 13 5.10 -1.21 -0.29
N ALA B 14 4.22 -1.39 0.70
CA ALA B 14 4.29 -2.43 1.72
C ALA B 14 3.26 -3.54 1.49
N TYR B 15 2.10 -3.17 0.96
CA TYR B 15 0.96 -4.04 0.77
C TYR B 15 1.15 -4.98 -0.41
N CYS B 16 1.59 -4.41 -1.53
CA CYS B 16 1.70 -5.07 -2.83
C CYS B 16 3.10 -4.91 -3.41
N LYS B 17 3.96 -4.11 -2.75
CA LYS B 17 5.38 -4.03 -3.05
C LYS B 17 5.69 -3.29 -4.36
N GLU B 18 4.72 -2.55 -4.91
CA GLU B 18 4.89 -1.76 -6.12
C GLU B 18 5.56 -0.42 -5.79
N LYS B 19 6.35 0.09 -6.75
CA LYS B 19 7.20 1.26 -6.62
C LYS B 19 6.42 2.54 -6.91
N GLY B 20 5.53 2.48 -7.91
CA GLY B 20 4.74 3.59 -8.41
C GLY B 20 3.92 4.33 -7.34
N HIS B 21 3.69 3.69 -6.17
CA HIS B 21 2.96 4.30 -5.06
C HIS B 21 3.48 3.70 -3.75
N TRP B 22 2.75 3.89 -2.65
CA TRP B 22 3.13 3.46 -1.32
C TRP B 22 1.97 2.78 -0.59
N ALA B 23 2.27 2.08 0.51
CA ALA B 23 1.26 1.37 1.29
C ALA B 23 0.10 2.30 1.69
N LYS B 24 0.44 3.54 2.03
CA LYS B 24 -0.48 4.60 2.38
C LYS B 24 -1.44 4.93 1.22
N ASP B 25 -0.91 4.87 -0.01
CA ASP B 25 -1.59 5.24 -1.26
C ASP B 25 -2.01 4.02 -2.08
N CYS B 26 -1.92 2.80 -1.53
CA CYS B 26 -2.08 1.59 -2.33
C CYS B 26 -3.48 1.48 -2.94
N PRO B 27 -3.58 1.37 -4.28
CA PRO B 27 -4.85 1.27 -5.00
C PRO B 27 -5.36 -0.18 -4.98
N LYS B 28 -4.47 -1.16 -4.76
CA LYS B 28 -4.81 -2.56 -4.60
C LYS B 28 -5.54 -2.74 -3.26
N LYS B 29 -4.99 -2.10 -2.24
CA LYS B 29 -5.45 -2.08 -0.86
C LYS B 29 -6.83 -1.40 -0.77
N PRO B 30 -7.74 -1.91 0.08
CA PRO B 30 -9.00 -1.25 0.43
C PRO B 30 -8.79 0.25 0.71
N ARG B 31 -9.38 1.09 -0.15
CA ARG B 31 -9.12 2.52 -0.17
C ARG B 31 -9.95 3.23 0.90
N GLY B 32 -11.24 2.89 0.99
CA GLY B 32 -12.15 3.45 1.96
C GLY B 32 -13.49 2.70 1.92
N PRO B 33 -14.43 3.04 2.81
CA PRO B 33 -15.74 2.41 2.88
C PRO B 33 -16.61 2.85 1.70
N ARG B 34 -17.61 2.02 1.37
CA ARG B 34 -18.53 2.28 0.27
C ARG B 34 -19.63 3.24 0.73
N GLY B 35 -19.24 4.48 1.06
CA GLY B 35 -20.16 5.54 1.44
C GLY B 35 -20.80 6.15 0.20
N PRO B 36 -20.20 7.20 -0.41
CA PRO B 36 -20.60 7.94 -1.60
C PRO B 36 -22.09 7.84 -1.81
N ARG B 37 -22.70 8.34 -0.73
CA ARG B 37 -24.06 8.29 -0.27
C ARG B 37 -24.81 7.02 -0.72
N PRO B 38 -24.97 6.01 0.15
CA PRO B 38 -25.47 4.70 -0.22
C PRO B 38 -27.00 4.72 -0.39
N GLN B 39 -27.45 5.30 -1.50
CA GLN B 39 -28.84 5.43 -1.89
C GLN B 39 -28.84 5.69 -3.42
N THR B 40 -29.96 5.41 -4.10
CA THR B 40 -30.11 5.61 -5.54
C THR B 40 -29.86 7.08 -5.88
N GLY B 1 14.96 3.39 1.63
CA GLY B 1 14.68 4.45 2.61
C GLY B 1 14.94 4.02 4.06
N GLU B 2 15.12 2.72 4.29
CA GLU B 2 15.61 2.13 5.53
C GLU B 2 14.52 1.97 6.59
N ARG B 3 13.68 0.92 6.46
CA ARG B 3 12.73 0.50 7.49
C ARG B 3 12.28 -0.94 7.22
N ARG B 4 13.01 -1.93 7.73
CA ARG B 4 12.59 -3.33 7.75
C ARG B 4 12.26 -3.85 6.35
N ARG B 5 13.29 -4.18 5.55
CA ARG B 5 13.10 -4.85 4.27
C ARG B 5 12.93 -6.36 4.46
N SER B 6 11.89 -6.74 5.21
CA SER B 6 11.44 -8.11 5.34
C SER B 6 10.90 -8.57 3.97
N GLN B 7 10.05 -7.74 3.38
CA GLN B 7 9.56 -7.87 2.01
C GLN B 7 9.64 -6.51 1.32
N LEU B 8 9.18 -5.46 2.00
CA LEU B 8 9.07 -4.10 1.50
C LEU B 8 10.35 -3.31 1.85
N ASP B 9 10.18 -2.20 2.57
CA ASP B 9 11.19 -1.32 3.17
C ASP B 9 10.48 -0.06 3.69
N ARG B 10 10.78 1.10 3.11
CA ARG B 10 10.37 2.41 3.59
C ARG B 10 9.61 3.13 2.48
N ASP B 11 10.27 3.32 1.33
CA ASP B 11 9.81 4.06 0.17
C ASP B 11 8.59 3.44 -0.53
N GLN B 12 8.53 2.11 -0.61
CA GLN B 12 7.56 1.37 -1.43
C GLN B 12 6.32 0.95 -0.64
N CYS B 13 5.30 0.43 -1.36
CA CYS B 13 4.10 -0.12 -0.77
C CYS B 13 4.43 -1.27 0.18
N ALA B 14 3.60 -1.43 1.20
CA ALA B 14 3.75 -2.38 2.29
C ALA B 14 2.78 -3.56 2.20
N TYR B 15 1.72 -3.40 1.41
CA TYR B 15 0.66 -4.37 1.22
C TYR B 15 1.00 -5.34 0.10
N CYS B 16 1.21 -4.76 -1.08
CA CYS B 16 1.31 -5.44 -2.37
C CYS B 16 2.66 -5.21 -3.04
N LYS B 17 3.40 -4.18 -2.60
CA LYS B 17 4.78 -3.92 -3.02
C LYS B 17 4.85 -3.51 -4.50
N GLU B 18 3.78 -2.88 -4.99
CA GLU B 18 3.56 -2.63 -6.42
C GLU B 18 4.01 -1.24 -6.87
N LYS B 19 4.45 -1.19 -8.14
CA LYS B 19 4.76 -0.06 -8.99
C LYS B 19 5.20 1.22 -8.26
N GLY B 20 4.28 2.14 -7.98
CA GLY B 20 4.62 3.47 -7.49
C GLY B 20 3.47 4.10 -6.71
N HIS B 21 3.21 3.53 -5.54
CA HIS B 21 2.32 4.09 -4.52
C HIS B 21 2.79 3.55 -3.16
N TRP B 22 2.00 3.79 -2.12
CA TRP B 22 2.32 3.44 -0.74
C TRP B 22 1.18 2.67 -0.09
N ALA B 23 1.42 2.07 1.09
CA ALA B 23 0.41 1.24 1.76
C ALA B 23 -0.77 2.12 2.14
N LYS B 24 -0.41 3.33 2.59
CA LYS B 24 -1.24 4.48 2.84
C LYS B 24 -2.20 4.77 1.68
N ASP B 25 -1.76 4.51 0.44
CA ASP B 25 -2.43 4.85 -0.81
C ASP B 25 -2.80 3.62 -1.63
N CYS B 26 -2.70 2.40 -1.07
CA CYS B 26 -2.80 1.19 -1.86
C CYS B 26 -4.24 0.97 -2.37
N PRO B 27 -4.44 0.82 -3.70
CA PRO B 27 -5.72 0.54 -4.31
C PRO B 27 -6.03 -0.97 -4.31
N LYS B 28 -5.02 -1.82 -4.13
CA LYS B 28 -5.18 -3.28 -4.07
C LYS B 28 -5.89 -3.62 -2.77
N LYS B 29 -5.50 -2.91 -1.70
CA LYS B 29 -6.19 -2.88 -0.43
C LYS B 29 -7.35 -1.89 -0.62
N PRO B 30 -8.44 -2.04 0.15
CA PRO B 30 -9.52 -1.06 0.25
C PRO B 30 -9.11 0.33 0.78
N ARG B 31 -7.82 0.69 0.76
CA ARG B 31 -7.21 1.91 1.30
C ARG B 31 -7.20 1.92 2.82
N GLY B 32 -8.36 1.70 3.46
CA GLY B 32 -8.49 1.59 4.90
C GLY B 32 -8.31 2.94 5.61
N PRO B 33 -9.05 3.99 5.23
CA PRO B 33 -9.08 5.23 5.98
C PRO B 33 -9.71 4.98 7.35
N ARG B 34 -9.09 5.50 8.41
CA ARG B 34 -9.55 5.34 9.78
C ARG B 34 -10.62 6.40 10.06
N GLY B 35 -11.75 6.26 9.36
CA GLY B 35 -12.83 7.22 9.27
C GLY B 35 -13.65 6.92 8.01
N PRO B 36 -14.86 7.51 7.86
CA PRO B 36 -15.78 7.43 6.75
C PRO B 36 -15.65 6.12 6.00
N ARG B 37 -15.82 5.13 6.88
CA ARG B 37 -15.61 3.70 6.84
C ARG B 37 -14.30 3.25 6.18
N PRO B 38 -13.60 2.26 6.77
CA PRO B 38 -12.38 1.69 6.22
C PRO B 38 -12.66 0.84 4.98
N GLN B 39 -13.85 0.22 4.90
CA GLN B 39 -14.29 -0.67 3.83
C GLN B 39 -13.57 -2.02 3.91
N THR B 40 -13.98 -2.95 3.03
CA THR B 40 -13.46 -4.32 2.96
C THR B 40 -13.60 -4.79 1.51
N GLY B 1 16.03 -16.93 9.11
CA GLY B 1 15.01 -16.01 8.58
C GLY B 1 15.66 -14.89 7.78
N GLU B 2 15.96 -15.18 6.51
CA GLU B 2 16.78 -14.33 5.65
C GLU B 2 15.89 -13.28 4.97
N ARG B 3 16.53 -12.20 4.49
CA ARG B 3 15.86 -11.10 3.82
C ARG B 3 16.87 -10.29 2.99
N ARG B 4 18.02 -9.97 3.60
CA ARG B 4 19.05 -9.10 3.06
C ARG B 4 18.52 -7.66 2.90
N ARG B 5 17.57 -7.28 3.76
CA ARG B 5 16.97 -5.95 3.84
C ARG B 5 16.57 -5.70 5.29
N SER B 6 16.24 -4.46 5.65
CA SER B 6 15.74 -4.14 6.96
C SER B 6 14.33 -4.72 7.11
N GLN B 7 13.41 -4.29 6.23
CA GLN B 7 12.07 -4.86 6.07
C GLN B 7 11.78 -4.84 4.56
N LEU B 8 10.53 -4.57 4.17
CA LEU B 8 10.19 -4.29 2.78
C LEU B 8 10.57 -2.84 2.43
N ASP B 9 10.89 -2.02 3.45
CA ASP B 9 11.49 -0.69 3.35
C ASP B 9 10.56 0.38 2.78
N ARG B 10 11.04 1.63 2.83
CA ARG B 10 10.31 2.84 2.46
C ARG B 10 10.28 3.03 0.95
N ASP B 11 11.30 2.52 0.26
CA ASP B 11 11.50 2.60 -1.18
C ASP B 11 10.28 2.17 -2.00
N GLN B 12 9.48 1.22 -1.50
CA GLN B 12 8.41 0.56 -2.24
C GLN B 12 7.10 0.51 -1.45
N CYS B 13 5.98 0.23 -2.16
CA CYS B 13 4.67 0.02 -1.56
C CYS B 13 4.73 -1.17 -0.62
N ALA B 14 4.29 -0.97 0.63
CA ALA B 14 4.28 -2.01 1.65
C ALA B 14 3.32 -3.14 1.34
N TYR B 15 2.21 -2.83 0.67
CA TYR B 15 1.11 -3.76 0.44
C TYR B 15 1.43 -4.72 -0.69
N CYS B 16 1.75 -4.15 -1.85
CA CYS B 16 1.89 -4.84 -3.12
C CYS B 16 3.26 -4.60 -3.74
N LYS B 17 3.98 -3.54 -3.34
CA LYS B 17 5.32 -3.22 -3.84
C LYS B 17 5.30 -3.23 -5.36
N GLU B 18 4.54 -2.27 -5.90
CA GLU B 18 4.33 -2.03 -7.31
C GLU B 18 4.60 -0.54 -7.49
N LYS B 19 5.05 -0.18 -8.69
CA LYS B 19 5.60 1.12 -8.95
C LYS B 19 4.57 2.24 -8.90
N GLY B 20 5.14 3.42 -8.70
CA GLY B 20 4.49 4.72 -8.82
C GLY B 20 3.95 5.23 -7.50
N HIS B 21 3.43 4.32 -6.67
CA HIS B 21 2.68 4.69 -5.47
C HIS B 21 3.31 4.06 -4.22
N TRP B 22 2.61 4.16 -3.08
CA TRP B 22 3.03 3.64 -1.79
C TRP B 22 1.82 3.03 -1.06
N ALA B 23 2.05 2.35 0.07
CA ALA B 23 0.94 1.77 0.85
C ALA B 23 -0.06 2.83 1.33
N LYS B 24 0.34 4.11 1.35
CA LYS B 24 -0.55 5.23 1.59
C LYS B 24 -1.61 5.35 0.49
N ASP B 25 -1.20 5.14 -0.77
CA ASP B 25 -1.96 5.41 -1.98
C ASP B 25 -2.20 4.14 -2.81
N CYS B 26 -2.12 2.95 -2.20
CA CYS B 26 -2.18 1.71 -2.96
C CYS B 26 -3.56 1.51 -3.59
N PRO B 27 -3.65 1.26 -4.90
CA PRO B 27 -4.91 1.01 -5.60
C PRO B 27 -5.40 -0.43 -5.37
N LYS B 28 -4.47 -1.38 -5.21
CA LYS B 28 -4.79 -2.78 -4.94
C LYS B 28 -5.48 -2.92 -3.58
N LYS B 29 -5.11 -2.04 -2.64
CA LYS B 29 -5.54 -1.98 -1.25
C LYS B 29 -7.07 -2.07 -1.13
N PRO B 30 -7.60 -2.75 -0.10
CA PRO B 30 -9.00 -2.74 0.29
C PRO B 30 -9.53 -1.33 0.62
N ARG B 31 -9.76 -0.51 -0.40
CA ARG B 31 -10.28 0.85 -0.28
C ARG B 31 -11.76 0.80 0.07
N GLY B 32 -12.54 0.05 -0.73
CA GLY B 32 -13.97 -0.14 -0.49
C GLY B 32 -14.49 -1.31 -1.33
N PRO B 33 -14.11 -2.56 -1.01
CA PRO B 33 -14.54 -3.74 -1.73
C PRO B 33 -15.97 -4.12 -1.31
N ARG B 34 -16.94 -3.29 -1.73
CA ARG B 34 -18.35 -3.44 -1.39
C ARG B 34 -19.19 -2.66 -2.40
N GLY B 35 -20.39 -3.14 -2.69
CA GLY B 35 -21.37 -2.49 -3.56
C GLY B 35 -22.67 -2.30 -2.77
N PRO B 36 -22.80 -1.23 -1.97
CA PRO B 36 -23.98 -0.91 -1.20
C PRO B 36 -24.79 0.05 -2.07
N ARG B 37 -25.53 0.97 -1.45
CA ARG B 37 -26.16 2.09 -2.15
C ARG B 37 -26.18 3.29 -1.20
N PRO B 38 -26.39 4.52 -1.70
CA PRO B 38 -26.65 5.70 -0.87
C PRO B 38 -27.73 5.41 0.17
N GLN B 39 -28.84 4.81 -0.28
CA GLN B 39 -29.89 4.26 0.57
C GLN B 39 -29.91 2.77 0.27
N THR B 40 -29.11 1.98 1.02
CA THR B 40 -28.98 0.55 0.83
C THR B 40 -30.31 -0.14 1.17
N GLY B 1 13.88 -13.94 10.34
CA GLY B 1 14.97 -12.97 10.22
C GLY B 1 14.47 -11.53 10.28
N GLU B 2 13.91 -11.14 11.43
CA GLU B 2 13.21 -9.88 11.62
C GLU B 2 13.02 -9.60 13.11
N ARG B 3 12.51 -8.41 13.44
CA ARG B 3 12.07 -8.08 14.78
C ARG B 3 10.60 -8.49 14.94
N ARG B 4 9.73 -7.90 14.12
CA ARG B 4 8.34 -8.31 13.98
C ARG B 4 7.89 -7.87 12.58
N ARG B 5 8.50 -8.50 11.57
CA ARG B 5 8.42 -8.12 10.16
C ARG B 5 9.00 -6.72 10.00
N SER B 6 10.31 -6.64 9.74
CA SER B 6 11.06 -5.39 9.73
C SER B 6 10.86 -4.64 8.41
N GLN B 7 9.62 -4.26 8.14
CA GLN B 7 9.14 -3.55 6.95
C GLN B 7 9.28 -4.37 5.68
N LEU B 8 8.52 -3.95 4.66
CA LEU B 8 8.66 -4.42 3.28
C LEU B 8 9.57 -3.42 2.57
N ASP B 9 9.13 -2.15 2.51
CA ASP B 9 9.93 -1.05 1.98
C ASP B 9 9.31 0.28 2.41
N ARG B 10 10.09 1.35 2.21
CA ARG B 10 9.72 2.75 2.39
C ARG B 10 9.39 3.39 1.04
N ASP B 11 10.05 2.91 -0.03
CA ASP B 11 9.86 3.36 -1.40
C ASP B 11 8.58 2.75 -2.02
N GLN B 12 8.55 1.41 -2.17
CA GLN B 12 7.51 0.69 -2.90
C GLN B 12 6.33 0.29 -2.00
N CYS B 13 5.20 -0.08 -2.63
CA CYS B 13 3.96 -0.45 -1.94
C CYS B 13 4.15 -1.69 -1.05
N ALA B 14 3.48 -1.67 0.10
CA ALA B 14 3.55 -2.70 1.14
C ALA B 14 2.56 -3.84 0.89
N TYR B 15 2.13 -4.04 -0.37
CA TYR B 15 1.04 -4.91 -0.75
C TYR B 15 1.37 -5.50 -2.12
N CYS B 16 1.60 -4.59 -3.07
CA CYS B 16 1.80 -4.82 -4.49
C CYS B 16 3.27 -4.72 -4.84
N LYS B 17 4.01 -3.88 -4.11
CA LYS B 17 5.38 -3.48 -4.42
C LYS B 17 5.49 -3.20 -5.92
N GLU B 18 4.61 -2.29 -6.37
CA GLU B 18 4.33 -1.99 -7.76
C GLU B 18 5.34 -0.99 -8.35
N LYS B 19 4.95 -0.33 -9.45
CA LYS B 19 5.78 0.57 -10.21
C LYS B 19 5.96 1.90 -9.46
N GLY B 20 4.86 2.57 -9.12
CA GLY B 20 4.92 3.93 -8.61
C GLY B 20 3.71 4.33 -7.77
N HIS B 21 3.38 3.50 -6.77
CA HIS B 21 2.43 3.86 -5.73
C HIS B 21 2.87 3.19 -4.42
N TRP B 22 2.16 3.52 -3.33
CA TRP B 22 2.53 3.17 -1.97
C TRP B 22 1.34 2.56 -1.23
N ALA B 23 1.57 1.94 -0.05
CA ALA B 23 0.50 1.30 0.69
C ALA B 23 -0.61 2.31 1.02
N LYS B 24 -0.17 3.55 1.23
CA LYS B 24 -0.92 4.77 1.39
C LYS B 24 -1.93 4.97 0.26
N ASP B 25 -1.42 4.88 -0.97
CA ASP B 25 -2.08 5.21 -2.22
C ASP B 25 -2.65 3.96 -2.91
N CYS B 26 -2.56 2.79 -2.27
CA CYS B 26 -2.81 1.53 -2.91
C CYS B 26 -4.25 1.36 -3.42
N PRO B 27 -4.43 1.02 -4.71
CA PRO B 27 -5.72 0.72 -5.29
C PRO B 27 -6.21 -0.69 -4.94
N LYS B 28 -5.28 -1.65 -4.78
CA LYS B 28 -5.60 -3.04 -4.50
C LYS B 28 -5.97 -3.27 -3.03
N LYS B 29 -5.48 -2.38 -2.15
CA LYS B 29 -5.76 -2.39 -0.73
C LYS B 29 -7.20 -1.91 -0.51
N PRO B 30 -7.95 -2.49 0.45
CA PRO B 30 -9.28 -2.05 0.86
C PRO B 30 -9.43 -0.52 0.88
N ARG B 31 -10.07 0.02 -0.16
CA ARG B 31 -10.11 1.45 -0.43
C ARG B 31 -11.21 2.12 0.41
N GLY B 32 -10.95 2.23 1.72
CA GLY B 32 -11.90 2.75 2.69
C GLY B 32 -12.95 1.68 3.01
N PRO B 33 -12.69 0.79 3.97
CA PRO B 33 -13.61 -0.26 4.40
C PRO B 33 -14.99 0.31 4.78
N ARG B 34 -15.96 0.17 3.89
CA ARG B 34 -17.29 0.76 3.99
C ARG B 34 -18.32 -0.22 3.44
N GLY B 35 -18.16 -0.62 2.17
CA GLY B 35 -19.10 -1.44 1.45
C GLY B 35 -20.39 -0.69 1.18
N PRO B 36 -20.39 0.31 0.27
CA PRO B 36 -21.53 1.12 -0.07
C PRO B 36 -22.32 0.38 -1.14
N ARG B 37 -22.74 -0.85 -0.80
CA ARG B 37 -23.29 -1.79 -1.77
C ARG B 37 -24.64 -1.30 -2.33
N PRO B 38 -25.07 -1.80 -3.51
CA PRO B 38 -26.37 -1.51 -4.09
C PRO B 38 -27.55 -1.69 -3.12
N GLN B 39 -27.44 -2.66 -2.19
CA GLN B 39 -28.41 -2.88 -1.14
C GLN B 39 -28.22 -1.81 -0.05
N THR B 40 -28.58 -0.56 -0.37
CA THR B 40 -28.45 0.58 0.53
C THR B 40 -29.52 0.49 1.62
#